data_8WOZ
#
_entry.id   8WOZ
#
_cell.length_a   1.00
_cell.length_b   1.00
_cell.length_c   1.00
_cell.angle_alpha   90.00
_cell.angle_beta   90.00
_cell.angle_gamma   90.00
#
_symmetry.space_group_name_H-M   'P 1'
#
loop_
_entity.id
_entity.type
_entity.pdbx_description
1 polymer 'Angiotensin-converting enzyme'
2 polymer 'Spike protein S1'
3 non-polymer 'ZINC ION'
#
loop_
_entity_poly.entity_id
_entity_poly.type
_entity_poly.pdbx_seq_one_letter_code
_entity_poly.pdbx_strand_id
1 'polypeptide(L)'
;STIEELAKTFLEKFNQEAEDLSYQSALASWDYNTNITEENVQKMNDAEAKWSAFYEEQSKLAKTYPSQEVQNLTVKRQLQ
ALQQSGSSALSADKSKQLNTILSTMSTIYSTGKVCNQSNPQECFLLEPGLDEIMAKSTDYNERLWAWEGWRSVVGKQLRP
LYEEYVVLKNEMARANNYEDYGDYWRADYEAEGADGYDYSRSQLIDDVERTFSEIKPLYEQLHAFVRTKLMDAYPSRISP
TGCLPAHLLGDMWGRFWTNLYSLTVPFGQKPNIDVTDTMVNQGWDAERIFKEAEKFFVSVGLPSMTQGFWENSMLTEPGD
GRKVVCHPTAWDLGKGDFRIKMCTKVTMDNFLTAHHEMGHIQYDMAYATQPFLLRNGANEGFHEAVGEIMSLSAATPEHL
KSIGLLPYDFHEDNETEINFLLKQALTIVGTLPFTYMLEKWRWMVFKGEIPKEQWMQKWWEMKREIVGVVEPMPHDETYC
DPAALFHVANDYSFIRYYTRTIYQFQFQEALCQAAQHEGPLHKCDISNSTEAGQKLLNMLRLGRSEPWTLALENVVGAKN
MDVRPLLNYFEPLFTWLKEQNRNSFVGWSTEWTPYAHHHHHH
;
A
2 'polypeptide(L)'
;RVVPSGDVVRFPNITNLCPFGEVFNATKFPSVYAWERKKISNCVADYSVLYNSTFFSTFKCYGVSATKLNDLCFSNVYAD
SFVVKGDDVRQIAPGQTGVIADYNYKLPDDFMGCVLAWNTRNIDATSTGNYNYKYRYLRHGKLRPFERDISNVPFSPDGK
PCTPPALNCYWPLNDYGFYTTTGIGYQPYRVVVLSFELLNAPATVCGPKLSTDLIKNQCVNFHHHHHH
;
B
#
# COMPACT_ATOMS: atom_id res chain seq x y z
N SER A 1 9.94 24.45 29.15
CA SER A 1 9.36 25.51 28.33
C SER A 1 8.09 25.04 27.65
N THR A 2 7.76 25.68 26.52
CA THR A 2 6.57 25.29 25.77
C THR A 2 6.75 23.91 25.16
N ILE A 3 5.69 23.11 25.22
CA ILE A 3 5.73 21.74 24.71
C ILE A 3 5.89 21.73 23.19
N GLU A 4 5.31 22.72 22.51
CA GLU A 4 5.22 22.69 21.05
C GLU A 4 6.60 22.67 20.40
N GLU A 5 7.53 23.50 20.89
CA GLU A 5 8.86 23.53 20.29
C GLU A 5 9.61 22.21 20.53
N LEU A 6 9.45 21.62 21.71
CA LEU A 6 10.07 20.33 21.99
C LEU A 6 9.55 19.27 21.03
N ALA A 7 8.23 19.20 20.85
CA ALA A 7 7.64 18.22 19.94
C ALA A 7 8.11 18.47 18.51
N LYS A 8 8.17 19.73 18.09
CA LYS A 8 8.59 20.05 16.74
C LYS A 8 10.02 19.59 16.48
N THR A 9 10.92 19.90 17.41
CA THR A 9 12.32 19.51 17.25
C THR A 9 12.47 17.99 17.22
N PHE A 10 11.76 17.29 18.12
CA PHE A 10 11.87 15.84 18.15
C PHE A 10 11.34 15.22 16.85
N LEU A 11 10.23 15.73 16.34
CA LEU A 11 9.68 15.21 15.09
C LEU A 11 10.63 15.47 13.92
N GLU A 12 11.25 16.66 13.89
CA GLU A 12 12.21 16.95 12.83
C GLU A 12 13.38 15.97 12.87
N LYS A 13 13.92 15.70 14.07
CA LYS A 13 15.03 14.75 14.18
C LYS A 13 14.61 13.37 13.73
N PHE A 14 13.41 12.92 14.13
CA PHE A 14 12.95 11.58 13.77
C PHE A 14 12.81 11.45 12.27
N ASN A 15 12.20 12.44 11.62
CA ASN A 15 12.07 12.40 10.17
C ASN A 15 13.44 12.38 9.50
N GLN A 16 14.35 13.23 10.00
CA GLN A 16 15.71 13.29 9.46
C GLN A 16 16.37 11.91 9.44
N GLU A 17 16.31 11.18 10.54
CA GLU A 17 17.01 9.91 10.58
C GLU A 17 16.25 8.78 9.88
N ALA A 18 14.92 8.80 9.95
CA ALA A 18 14.13 7.76 9.28
C ALA A 18 14.30 7.82 7.77
N GLU A 19 14.39 9.03 7.21
CA GLU A 19 14.49 9.16 5.76
C GLU A 19 15.73 8.48 5.19
N ASP A 20 16.73 8.19 6.03
CA ASP A 20 17.93 7.48 5.62
C ASP A 20 17.86 6.00 5.98
N LEU A 21 17.44 5.69 7.22
CA LEU A 21 17.42 4.29 7.63
C LEU A 21 16.45 3.47 6.79
N SER A 22 15.26 4.02 6.51
CA SER A 22 14.28 3.28 5.72
C SER A 22 14.80 3.01 4.32
N TYR A 23 15.47 3.99 3.71
CA TYR A 23 15.99 3.79 2.36
C TYR A 23 17.09 2.74 2.34
N GLN A 24 17.99 2.74 3.33
CA GLN A 24 19.01 1.71 3.38
C GLN A 24 18.39 0.33 3.49
N SER A 25 17.41 0.17 4.39
CA SER A 25 16.77 -1.13 4.56
C SER A 25 16.07 -1.57 3.29
N ALA A 26 15.35 -0.66 2.64
CA ALA A 26 14.62 -1.01 1.42
C ALA A 26 15.58 -1.41 0.29
N LEU A 27 16.69 -0.68 0.16
CA LEU A 27 17.65 -1.02 -0.90
C LEU A 27 18.27 -2.39 -0.65
N ALA A 28 18.60 -2.70 0.61
CA ALA A 28 19.12 -4.04 0.91
C ALA A 28 18.09 -5.10 0.58
N SER A 29 16.83 -4.87 0.93
CA SER A 29 15.78 -5.84 0.65
C SER A 29 15.61 -6.06 -0.85
N TRP A 30 15.63 -4.97 -1.64
CA TRP A 30 15.51 -5.11 -3.08
C TRP A 30 16.68 -5.86 -3.68
N ASP A 31 17.90 -5.57 -3.20
CA ASP A 31 19.08 -6.28 -3.68
C ASP A 31 18.97 -7.77 -3.40
N TYR A 32 18.46 -8.13 -2.22
CA TYR A 32 18.25 -9.54 -1.94
C TYR A 32 17.19 -10.15 -2.84
N ASN A 33 16.08 -9.43 -3.05
CA ASN A 33 14.98 -10.00 -3.80
C ASN A 33 15.29 -10.17 -5.28
N THR A 34 16.17 -9.33 -5.83
CA THR A 34 16.50 -9.45 -7.25
C THR A 34 17.52 -10.57 -7.51
N ASN A 35 18.25 -10.98 -6.48
CA ASN A 35 19.30 -12.00 -6.64
C ASN A 35 19.43 -12.73 -5.32
N ILE A 36 18.99 -13.99 -5.29
CA ILE A 36 18.99 -14.76 -4.05
C ILE A 36 20.33 -15.48 -3.89
N THR A 37 20.91 -15.36 -2.69
CA THR A 37 22.17 -16.00 -2.36
C THR A 37 22.16 -16.31 -0.87
N GLU A 38 23.33 -16.63 -0.33
CA GLU A 38 23.50 -16.80 1.11
C GLU A 38 24.21 -15.63 1.77
N GLU A 39 24.51 -14.56 1.02
CA GLU A 39 25.19 -13.40 1.56
C GLU A 39 24.33 -12.16 1.64
N ASN A 40 23.36 -12.01 0.73
CA ASN A 40 22.49 -10.83 0.77
C ASN A 40 21.57 -10.85 1.98
N VAL A 41 21.24 -12.04 2.49
CA VAL A 41 20.39 -12.15 3.66
C VAL A 41 21.06 -11.48 4.87
N GLN A 42 22.38 -11.63 4.99
CA GLN A 42 23.09 -11.01 6.10
C GLN A 42 23.00 -9.48 6.04
N LYS A 43 23.19 -8.91 4.85
CA LYS A 43 23.08 -7.45 4.70
C LYS A 43 21.67 -6.97 5.00
N MET A 44 20.67 -7.68 4.48
CA MET A 44 19.29 -7.30 4.74
C MET A 44 18.97 -7.36 6.23
N ASN A 45 19.43 -8.41 6.91
CA ASN A 45 19.15 -8.54 8.33
C ASN A 45 19.88 -7.48 9.13
N ASP A 46 21.10 -7.12 8.73
CA ASP A 46 21.83 -6.05 9.41
C ASP A 46 21.07 -4.74 9.31
N ALA A 47 20.67 -4.36 8.09
CA ALA A 47 19.93 -3.11 7.93
C ALA A 47 18.62 -3.12 8.70
N GLU A 48 17.89 -4.23 8.64
CA GLU A 48 16.61 -4.31 9.34
C GLU A 48 16.80 -4.20 10.85
N ALA A 49 17.83 -4.86 11.38
CA ALA A 49 18.10 -4.79 12.81
C ALA A 49 18.43 -3.37 13.24
N LYS A 50 19.26 -2.67 12.45
CA LYS A 50 19.60 -1.29 12.79
C LYS A 50 18.36 -0.41 12.80
N TRP A 51 17.53 -0.51 11.76
CA TRP A 51 16.34 0.33 11.68
C TRP A 51 15.37 0.02 12.82
N SER A 52 15.16 -1.27 13.11
CA SER A 52 14.24 -1.64 14.18
C SER A 52 14.75 -1.17 15.54
N ALA A 53 16.06 -1.28 15.78
CA ALA A 53 16.62 -0.82 17.04
C ALA A 53 16.40 0.67 17.22
N PHE A 54 16.71 1.47 16.17
CA PHE A 54 16.52 2.90 16.29
C PHE A 54 15.05 3.25 16.50
N TYR A 55 14.16 2.61 15.76
CA TYR A 55 12.74 2.93 15.88
C TYR A 55 12.23 2.59 17.28
N GLU A 56 12.63 1.43 17.81
CA GLU A 56 12.17 1.04 19.14
C GLU A 56 12.73 1.95 20.22
N GLU A 57 13.99 2.38 20.08
CA GLU A 57 14.57 3.22 21.12
C GLU A 57 14.00 4.64 21.08
N GLN A 58 13.59 5.11 19.90
CA GLN A 58 13.08 6.47 19.81
C GLN A 58 11.56 6.55 19.94
N SER A 59 10.83 5.46 19.75
CA SER A 59 9.38 5.49 19.81
C SER A 59 8.87 5.85 21.20
N LYS A 60 9.16 4.99 22.18
CA LYS A 60 8.69 5.23 23.54
C LYS A 60 9.75 5.99 24.34
N LEU A 61 10.19 7.11 23.78
CA LEU A 61 11.08 8.04 24.48
C LEU A 61 10.47 9.43 24.61
N ALA A 62 9.54 9.79 23.73
CA ALA A 62 8.85 11.08 23.79
C ALA A 62 7.53 11.02 24.55
N LYS A 63 7.24 9.90 25.20
CA LYS A 63 6.03 9.79 26.02
C LYS A 63 6.08 10.77 27.18
N THR A 64 7.27 11.28 27.49
CA THR A 64 7.43 12.34 28.47
C THR A 64 6.64 13.57 28.05
N TYR A 65 6.49 13.77 26.73
CA TYR A 65 5.68 14.86 26.21
C TYR A 65 4.23 14.39 26.14
N PRO A 66 3.33 15.01 26.90
CA PRO A 66 1.93 14.55 26.90
C PRO A 66 1.22 14.88 25.60
N SER A 67 0.26 14.04 25.24
CA SER A 67 -0.49 14.22 24.01
C SER A 67 -1.73 15.08 24.19
N GLN A 68 -2.07 15.46 25.43
CA GLN A 68 -3.26 16.25 25.67
C GLN A 68 -3.03 17.74 25.44
N GLU A 69 -1.79 18.21 25.59
CA GLU A 69 -1.51 19.64 25.58
C GLU A 69 -1.18 20.18 24.20
N VAL A 70 -1.10 19.33 23.18
CA VAL A 70 -0.74 19.78 21.84
C VAL A 70 -1.93 20.50 21.21
N GLN A 71 -1.64 21.62 20.53
CA GLN A 71 -2.69 22.46 19.94
C GLN A 71 -2.85 22.22 18.43
N ASN A 72 -1.78 22.05 17.68
CA ASN A 72 -2.01 21.77 16.24
C ASN A 72 -2.40 20.30 16.05
N LEU A 73 -3.14 19.97 15.00
CA LEU A 73 -3.58 18.63 14.66
C LEU A 73 -2.47 17.85 13.94
N THR A 74 -1.62 18.56 13.20
CA THR A 74 -0.45 17.95 12.55
C THR A 74 0.47 17.30 13.57
N VAL A 75 1.03 18.11 14.48
CA VAL A 75 1.99 17.60 15.45
C VAL A 75 1.34 16.57 16.37
N LYS A 76 0.09 16.82 16.76
CA LYS A 76 -0.62 15.87 17.61
C LYS A 76 -0.79 14.52 16.90
N ARG A 77 -1.14 14.55 15.62
CA ARG A 77 -1.30 13.32 14.87
C ARG A 77 0.02 12.57 14.74
N GLN A 78 1.10 13.30 14.47
CA GLN A 78 2.41 12.65 14.36
C GLN A 78 2.81 12.01 15.69
N LEU A 79 2.64 12.73 16.79
CA LEU A 79 2.98 12.18 18.10
C LEU A 79 2.12 10.97 18.43
N GLN A 80 0.82 11.03 18.12
CA GLN A 80 -0.06 9.89 18.38
C GLN A 80 0.34 8.68 17.55
N ALA A 81 0.73 8.90 16.29
CA ALA A 81 1.18 7.80 15.45
C ALA A 81 2.48 7.20 15.97
N LEU A 82 3.38 8.03 16.52
CA LEU A 82 4.66 7.53 17.00
C LEU A 82 4.58 6.83 18.35
N GLN A 83 3.70 7.29 19.25
CA GLN A 83 3.70 6.76 20.61
C GLN A 83 3.37 5.27 20.64
N GLN A 84 2.35 4.86 19.89
CA GLN A 84 1.93 3.46 19.90
C GLN A 84 2.98 2.62 19.18
N SER A 85 3.80 1.91 19.95
CA SER A 85 4.87 1.08 19.40
C SER A 85 4.62 -0.41 19.61
N GLY A 86 4.31 -0.83 20.84
CA GLY A 86 4.00 -2.21 21.10
C GLY A 86 4.65 -2.79 22.34
N SER A 87 5.41 -3.87 22.17
CA SER A 87 5.99 -4.59 23.29
C SER A 87 7.17 -3.87 23.93
N SER A 88 7.63 -2.77 23.35
CA SER A 88 8.81 -2.09 23.86
C SER A 88 8.60 -1.55 25.28
N ALA A 89 7.36 -1.24 25.64
CA ALA A 89 7.08 -0.77 26.99
C ALA A 89 7.16 -1.88 28.02
N LEU A 90 7.11 -3.14 27.60
CA LEU A 90 7.16 -4.27 28.51
C LEU A 90 8.61 -4.58 28.88
N SER A 91 8.77 -5.54 29.79
CA SER A 91 10.10 -5.94 30.21
C SER A 91 10.82 -6.69 29.10
N ALA A 92 12.15 -6.76 29.20
CA ALA A 92 12.96 -7.40 28.17
C ALA A 92 12.65 -8.89 28.09
N ASP A 93 12.51 -9.55 29.22
CA ASP A 93 12.22 -10.99 29.21
C ASP A 93 10.87 -11.27 28.56
N LYS A 94 9.87 -10.44 28.83
CA LYS A 94 8.57 -10.62 28.19
C LYS A 94 8.66 -10.41 26.69
N SER A 95 9.44 -9.42 26.26
CA SER A 95 9.63 -9.20 24.83
C SER A 95 10.29 -10.39 24.17
N LYS A 96 11.31 -10.95 24.82
CA LYS A 96 11.96 -12.15 24.27
C LYS A 96 11.00 -13.33 24.23
N GLN A 97 10.16 -13.49 25.25
CA GLN A 97 9.18 -14.57 25.23
C GLN A 97 8.21 -14.41 24.08
N LEU A 98 7.71 -13.19 23.86
CA LEU A 98 6.80 -12.95 22.75
C LEU A 98 7.46 -13.22 21.41
N ASN A 99 8.72 -12.77 21.24
CA ASN A 99 9.41 -12.99 19.98
C ASN A 99 9.66 -14.47 19.72
N THR A 100 10.04 -15.22 20.77
CA THR A 100 10.23 -16.66 20.60
C THR A 100 8.92 -17.35 20.25
N ILE A 101 7.83 -16.94 20.88
CA ILE A 101 6.53 -17.53 20.58
C ILE A 101 6.14 -17.27 19.13
N LEU A 102 6.34 -16.03 18.67
CA LEU A 102 6.00 -15.69 17.29
C LEU A 102 6.86 -16.46 16.31
N SER A 103 8.16 -16.59 16.58
CA SER A 103 9.05 -17.32 15.70
C SER A 103 8.66 -18.79 15.62
N THR A 104 8.36 -19.40 16.77
CA THR A 104 7.94 -20.80 16.76
C THR A 104 6.63 -20.98 15.99
N MET A 105 5.70 -20.04 16.17
CA MET A 105 4.42 -20.13 15.47
C MET A 105 4.61 -20.07 13.96
N SER A 106 5.38 -19.08 13.50
CA SER A 106 5.61 -18.94 12.06
C SER A 106 6.35 -20.15 11.50
N THR A 107 7.37 -20.63 12.21
CA THR A 107 8.13 -21.78 11.74
C THR A 107 7.24 -23.02 11.64
N ILE A 108 6.42 -23.27 12.65
CA ILE A 108 5.59 -24.47 12.63
C ILE A 108 4.51 -24.36 11.57
N TYR A 109 4.06 -23.15 11.24
CA TYR A 109 3.12 -23.04 10.13
C TYR A 109 3.80 -23.25 8.78
N SER A 110 5.03 -22.76 8.62
CA SER A 110 5.67 -22.77 7.30
C SER A 110 6.06 -24.17 6.87
N THR A 111 6.45 -25.02 7.81
CA THR A 111 6.96 -26.37 7.50
C THR A 111 5.93 -27.46 7.75
N GLY A 112 4.67 -27.23 7.40
CA GLY A 112 3.68 -28.29 7.51
C GLY A 112 3.89 -29.42 6.53
N LYS A 113 3.62 -30.65 6.97
CA LYS A 113 3.69 -31.83 6.14
C LYS A 113 2.36 -32.58 6.20
N VAL A 114 1.88 -33.03 5.05
CA VAL A 114 0.69 -33.87 4.95
C VAL A 114 0.99 -35.02 4.01
N CYS A 115 0.75 -36.25 4.48
CA CYS A 115 1.21 -37.43 3.76
C CYS A 115 0.23 -38.57 3.98
N ASN A 116 -0.69 -38.78 3.04
CA ASN A 116 -1.62 -39.90 3.10
C ASN A 116 -1.93 -40.35 1.68
N GLN A 117 -3.00 -41.14 1.53
CA GLN A 117 -3.58 -41.67 0.29
C GLN A 117 -2.73 -42.79 -0.32
N SER A 118 -1.54 -43.07 0.22
CA SER A 118 -0.69 -44.13 -0.32
C SER A 118 0.38 -44.50 0.70
N ASN A 119 1.41 -45.20 0.24
CA ASN A 119 2.61 -45.42 1.05
C ASN A 119 3.20 -44.07 1.43
N PRO A 120 3.47 -43.84 2.72
CA PRO A 120 3.79 -42.48 3.20
C PRO A 120 5.24 -42.07 3.00
N GLN A 121 5.55 -41.61 1.79
CA GLN A 121 6.81 -40.94 1.51
C GLN A 121 6.64 -39.60 0.81
N GLU A 122 5.58 -39.42 0.03
CA GLU A 122 5.38 -38.20 -0.73
C GLU A 122 4.85 -37.10 0.18
N CYS A 123 5.66 -36.06 0.40
CA CYS A 123 5.28 -34.92 1.21
C CYS A 123 4.94 -33.75 0.29
N PHE A 124 3.70 -33.28 0.35
CA PHE A 124 3.25 -32.24 -0.56
C PHE A 124 3.42 -30.83 0.00
N LEU A 125 3.57 -30.70 1.32
CA LEU A 125 3.60 -29.38 1.95
C LEU A 125 2.33 -28.63 1.60
N LEU A 126 2.39 -27.31 1.49
CA LEU A 126 1.24 -26.52 1.04
C LEU A 126 1.41 -25.99 -0.37
N GLU A 127 2.45 -25.18 -0.62
CA GLU A 127 2.51 -24.42 -1.85
C GLU A 127 2.70 -25.29 -3.09
N PRO A 128 3.54 -26.33 -3.07
CA PRO A 128 3.68 -27.14 -4.32
C PRO A 128 2.41 -27.88 -4.70
N GLY A 129 1.75 -28.53 -3.75
CA GLY A 129 0.68 -29.44 -4.12
C GLY A 129 -0.73 -29.14 -3.65
N LEU A 130 -0.88 -28.54 -2.46
CA LEU A 130 -2.23 -28.41 -1.90
C LEU A 130 -3.05 -27.37 -2.65
N ASP A 131 -2.44 -26.26 -3.06
CA ASP A 131 -3.18 -25.26 -3.82
C ASP A 131 -3.69 -25.85 -5.13
N GLU A 132 -2.83 -26.59 -5.85
CA GLU A 132 -3.23 -27.18 -7.11
C GLU A 132 -4.30 -28.24 -6.91
N ILE A 133 -4.16 -29.10 -5.91
CA ILE A 133 -5.14 -30.16 -5.72
C ILE A 133 -6.48 -29.56 -5.29
N MET A 134 -6.46 -28.45 -4.54
CA MET A 134 -7.71 -27.80 -4.18
C MET A 134 -8.35 -27.12 -5.38
N ALA A 135 -7.55 -26.52 -6.25
CA ALA A 135 -8.06 -25.73 -7.36
C ALA A 135 -8.39 -26.54 -8.60
N LYS A 136 -8.01 -27.81 -8.65
CA LYS A 136 -8.28 -28.59 -9.85
C LYS A 136 -9.12 -29.83 -9.60
N SER A 137 -9.08 -30.40 -8.41
CA SER A 137 -9.76 -31.66 -8.16
C SER A 137 -11.28 -31.49 -8.18
N THR A 138 -11.96 -32.53 -8.65
CA THR A 138 -13.42 -32.62 -8.62
C THR A 138 -13.88 -33.84 -7.85
N ASP A 139 -13.06 -34.34 -6.93
CA ASP A 139 -13.39 -35.50 -6.12
C ASP A 139 -13.57 -35.08 -4.67
N TYR A 140 -14.58 -35.67 -4.02
CA TYR A 140 -14.95 -35.26 -2.67
C TYR A 140 -13.93 -35.76 -1.64
N ASN A 141 -13.53 -37.02 -1.72
CA ASN A 141 -12.72 -37.63 -0.68
C ASN A 141 -11.33 -37.02 -0.60
N GLU A 142 -10.74 -36.71 -1.76
CA GLU A 142 -9.41 -36.11 -1.76
C GLU A 142 -9.42 -34.78 -1.05
N ARG A 143 -10.36 -33.91 -1.39
CA ARG A 143 -10.45 -32.60 -0.74
C ARG A 143 -10.74 -32.74 0.75
N LEU A 144 -11.64 -33.66 1.11
CA LEU A 144 -11.99 -33.81 2.52
C LEU A 144 -10.78 -34.27 3.34
N TRP A 145 -10.04 -35.27 2.85
CA TRP A 145 -8.90 -35.76 3.61
C TRP A 145 -7.80 -34.71 3.68
N ALA A 146 -7.57 -33.97 2.59
CA ALA A 146 -6.57 -32.90 2.63
C ALA A 146 -6.93 -31.86 3.69
N TRP A 147 -8.18 -31.38 3.66
CA TRP A 147 -8.64 -30.40 4.63
C TRP A 147 -8.45 -30.90 6.05
N GLU A 148 -8.98 -32.10 6.34
CA GLU A 148 -8.97 -32.61 7.71
C GLU A 148 -7.55 -32.87 8.19
N GLY A 149 -6.70 -33.45 7.35
CA GLY A 149 -5.33 -33.70 7.77
C GLY A 149 -4.55 -32.44 8.04
N TRP A 150 -4.66 -31.45 7.14
CA TRP A 150 -3.94 -30.21 7.33
C TRP A 150 -4.36 -29.52 8.62
N ARG A 151 -5.68 -29.46 8.87
CA ARG A 151 -6.12 -28.87 10.12
C ARG A 151 -5.74 -29.68 11.35
N SER A 152 -5.91 -31.00 11.32
CA SER A 152 -5.54 -31.84 12.45
C SER A 152 -4.05 -31.77 12.76
N VAL A 153 -3.21 -31.42 11.79
CA VAL A 153 -1.80 -31.21 12.09
C VAL A 153 -1.62 -29.81 12.70
N VAL A 154 -1.96 -28.78 11.92
CA VAL A 154 -1.52 -27.44 12.26
C VAL A 154 -2.24 -26.90 13.50
N GLY A 155 -3.56 -27.13 13.60
CA GLY A 155 -4.29 -26.58 14.73
C GLY A 155 -3.83 -27.13 16.06
N LYS A 156 -3.67 -28.45 16.14
CA LYS A 156 -3.17 -29.05 17.37
C LYS A 156 -1.69 -28.80 17.59
N GLN A 157 -0.94 -28.44 16.54
CA GLN A 157 0.43 -28.04 16.75
C GLN A 157 0.57 -26.58 17.16
N LEU A 158 -0.48 -25.78 16.98
CA LEU A 158 -0.40 -24.34 17.22
C LEU A 158 -1.22 -23.84 18.41
N ARG A 159 -2.21 -24.59 18.87
CA ARG A 159 -3.19 -24.01 19.81
C ARG A 159 -2.57 -23.55 21.14
N PRO A 160 -1.74 -24.33 21.85
CA PRO A 160 -1.21 -23.83 23.12
C PRO A 160 -0.44 -22.51 23.01
N LEU A 161 0.32 -22.34 21.93
CA LEU A 161 1.08 -21.11 21.74
C LEU A 161 0.13 -19.91 21.65
N TYR A 162 -0.96 -20.04 20.89
CA TYR A 162 -1.94 -18.97 20.80
C TYR A 162 -2.63 -18.76 22.15
N GLU A 163 -2.87 -19.84 22.89
CA GLU A 163 -3.53 -19.72 24.19
C GLU A 163 -2.71 -18.86 25.14
N GLU A 164 -1.39 -19.06 25.15
CA GLU A 164 -0.54 -18.22 26.00
C GLU A 164 -0.35 -16.82 25.39
N TYR A 165 -0.32 -16.75 24.06
CA TYR A 165 -0.02 -15.50 23.38
C TYR A 165 -1.14 -14.49 23.52
N VAL A 166 -2.40 -14.95 23.53
CA VAL A 166 -3.50 -14.02 23.72
C VAL A 166 -3.45 -13.39 25.10
N VAL A 167 -3.15 -14.19 26.12
CA VAL A 167 -3.06 -13.67 27.48
C VAL A 167 -1.93 -12.66 27.59
N LEU A 168 -0.76 -12.99 27.03
CA LEU A 168 0.36 -12.06 27.15
C LEU A 168 0.12 -10.79 26.33
N LYS A 169 -0.53 -10.90 25.18
CA LYS A 169 -0.87 -9.72 24.39
C LYS A 169 -1.86 -8.83 25.14
N ASN A 170 -2.86 -9.43 25.79
CA ASN A 170 -3.82 -8.66 26.57
C ASN A 170 -3.11 -7.93 27.71
N GLU A 171 -2.19 -8.62 28.40
CA GLU A 171 -1.46 -7.96 29.49
C GLU A 171 -0.60 -6.81 28.95
N MET A 172 0.06 -7.02 27.82
CA MET A 172 0.86 -5.95 27.23
C MET A 172 0.00 -4.76 26.84
N ALA A 173 -1.18 -5.02 26.26
CA ALA A 173 -2.07 -3.92 25.91
C ALA A 173 -2.55 -3.18 27.15
N ARG A 174 -2.85 -3.91 28.22
CA ARG A 174 -3.23 -3.27 29.48
C ARG A 174 -2.09 -2.42 30.03
N ALA A 175 -0.84 -2.80 29.74
CA ALA A 175 0.29 -2.00 30.19
C ALA A 175 0.28 -0.61 29.57
N ASN A 176 -0.25 -0.49 28.35
CA ASN A 176 -0.35 0.78 27.64
C ASN A 176 -1.67 1.50 27.90
N ASN A 177 -2.37 1.15 28.99
CA ASN A 177 -3.60 1.81 29.42
C ASN A 177 -4.73 1.64 28.39
N TYR A 178 -4.66 0.61 27.57
CA TYR A 178 -5.78 0.21 26.74
C TYR A 178 -6.69 -0.72 27.56
N GLU A 179 -7.67 -1.33 26.90
CA GLU A 179 -8.49 -2.33 27.59
C GLU A 179 -8.35 -3.73 27.01
N ASP A 180 -7.95 -3.87 25.76
CA ASP A 180 -7.65 -5.18 25.19
C ASP A 180 -6.86 -5.02 23.90
N TYR A 181 -6.41 -6.15 23.36
CA TYR A 181 -5.62 -6.12 22.13
C TYR A 181 -6.51 -5.82 20.92
N GLY A 182 -7.75 -6.29 20.93
CA GLY A 182 -8.65 -5.97 19.85
C GLY A 182 -8.94 -4.49 19.74
N ASP A 183 -9.01 -3.80 20.87
CA ASP A 183 -9.13 -2.35 20.85
C ASP A 183 -7.90 -1.72 20.19
N TYR A 184 -6.71 -2.26 20.47
CA TYR A 184 -5.51 -1.76 19.84
C TYR A 184 -5.57 -1.95 18.32
N TRP A 185 -6.09 -3.10 17.88
CA TRP A 185 -6.22 -3.33 16.45
C TRP A 185 -7.21 -2.38 15.81
N ARG A 186 -8.37 -2.18 16.43
CA ARG A 186 -9.39 -1.32 15.84
C ARG A 186 -9.10 0.16 16.03
N ALA A 187 -8.07 0.50 16.82
CA ALA A 187 -7.71 1.90 17.02
C ALA A 187 -7.18 2.57 15.76
N ASP A 188 -6.89 1.82 14.70
CA ASP A 188 -6.43 2.44 13.46
C ASP A 188 -7.51 3.36 12.89
N TYR A 189 -8.78 2.98 13.00
CA TYR A 189 -9.87 3.77 12.43
C TYR A 189 -10.33 4.88 13.36
N GLU A 190 -9.73 5.04 14.52
CA GLU A 190 -10.02 6.18 15.39
C GLU A 190 -9.51 7.46 14.73
N ALA A 191 -10.36 8.47 14.66
CA ALA A 191 -10.01 9.74 14.04
C ALA A 191 -10.66 10.89 14.79
N GLU A 192 -9.94 12.01 14.86
CA GLU A 192 -10.43 13.22 15.53
C GLU A 192 -10.24 14.42 14.62
N GLY A 193 -11.13 15.40 14.76
CA GLY A 193 -11.12 16.55 13.89
C GLY A 193 -12.18 17.58 14.22
N ALA A 194 -12.92 18.01 13.21
CA ALA A 194 -13.94 19.04 13.38
C ALA A 194 -15.15 18.45 14.13
N ASP A 195 -16.21 19.25 14.26
CA ASP A 195 -17.34 18.87 15.09
C ASP A 195 -18.02 17.61 14.56
N GLY A 196 -18.24 17.53 13.26
CA GLY A 196 -18.94 16.42 12.66
C GLY A 196 -18.08 15.37 11.99
N TYR A 197 -16.77 15.56 11.95
CA TYR A 197 -15.88 14.69 11.20
C TYR A 197 -15.20 13.64 12.07
N ASP A 198 -15.43 13.67 13.38
CA ASP A 198 -14.73 12.76 14.28
C ASP A 198 -15.30 11.35 14.18
N TYR A 199 -14.48 10.37 14.56
CA TYR A 199 -14.85 8.97 14.52
C TYR A 199 -14.22 8.25 15.70
N SER A 200 -15.05 7.70 16.56
CA SER A 200 -14.59 6.92 17.71
C SER A 200 -14.50 5.45 17.31
N ARG A 201 -13.50 4.76 17.88
CA ARG A 201 -13.27 3.37 17.50
C ARG A 201 -14.42 2.47 17.95
N SER A 202 -15.07 2.81 19.06
CA SER A 202 -16.21 2.04 19.52
C SER A 202 -17.37 2.08 18.53
N GLN A 203 -17.39 3.07 17.64
CA GLN A 203 -18.42 3.15 16.62
C GLN A 203 -18.19 2.14 15.49
N LEU A 204 -16.97 1.60 15.39
CA LEU A 204 -16.65 0.70 14.28
C LEU A 204 -17.62 -0.47 14.21
N ILE A 205 -17.84 -1.15 15.32
CA ILE A 205 -18.76 -2.29 15.36
C ILE A 205 -20.14 -1.87 14.88
N ASP A 206 -20.54 -0.64 15.19
CA ASP A 206 -21.84 -0.15 14.74
C ASP A 206 -21.89 -0.02 13.22
N ASP A 207 -20.81 0.48 12.61
CA ASP A 207 -20.83 0.72 11.17
C ASP A 207 -20.79 -0.59 10.38
N VAL A 208 -19.84 -1.47 10.73
CA VAL A 208 -19.57 -2.64 9.90
C VAL A 208 -20.80 -3.53 9.81
N GLU A 209 -21.49 -3.74 10.93
CA GLU A 209 -22.71 -4.54 10.90
C GLU A 209 -23.80 -3.86 10.08
N ARG A 210 -23.91 -2.53 10.19
CA ARG A 210 -25.03 -1.83 9.57
C ARG A 210 -25.03 -2.01 8.06
N THR A 211 -23.85 -1.95 7.44
CA THR A 211 -23.78 -2.16 6.00
C THR A 211 -24.07 -3.61 5.63
N PHE A 212 -23.68 -4.56 6.49
CA PHE A 212 -23.77 -5.96 6.10
C PHE A 212 -25.21 -6.40 5.89
N SER A 213 -26.13 -5.91 6.72
CA SER A 213 -27.53 -6.25 6.56
C SER A 213 -28.09 -5.78 5.23
N GLU A 214 -27.41 -4.84 4.56
CA GLU A 214 -27.84 -4.41 3.23
C GLU A 214 -27.28 -5.28 2.12
N ILE A 215 -26.19 -6.01 2.38
CA ILE A 215 -25.62 -6.92 1.38
C ILE A 215 -26.25 -8.31 1.44
N LYS A 216 -26.93 -8.63 2.54
CA LYS A 216 -27.53 -9.96 2.72
C LYS A 216 -28.40 -10.42 1.55
N PRO A 217 -29.28 -9.60 0.97
CA PRO A 217 -30.12 -10.14 -0.11
C PRO A 217 -29.36 -10.54 -1.36
N LEU A 218 -28.41 -9.72 -1.82
CA LEU A 218 -27.68 -10.06 -3.04
C LEU A 218 -26.85 -11.31 -2.86
N TYR A 219 -26.08 -11.38 -1.76
CA TYR A 219 -25.24 -12.53 -1.49
C TYR A 219 -26.05 -13.82 -1.54
N GLU A 220 -27.21 -13.83 -0.89
CA GLU A 220 -28.05 -15.01 -0.89
C GLU A 220 -28.51 -15.36 -2.30
N GLN A 221 -28.82 -14.35 -3.12
CA GLN A 221 -29.19 -14.61 -4.51
C GLN A 221 -28.04 -15.26 -5.27
N LEU A 222 -26.80 -14.96 -4.89
CA LEU A 222 -25.67 -15.73 -5.40
C LEU A 222 -25.63 -17.11 -4.75
N HIS A 223 -25.81 -17.16 -3.43
CA HIS A 223 -25.68 -18.41 -2.69
C HIS A 223 -26.64 -19.47 -3.20
N ALA A 224 -27.81 -19.08 -3.68
CA ALA A 224 -28.73 -20.04 -4.27
C ALA A 224 -28.21 -20.56 -5.61
N PHE A 225 -27.78 -19.65 -6.49
CA PHE A 225 -27.46 -20.05 -7.86
C PHE A 225 -26.30 -21.03 -7.90
N VAL A 226 -25.30 -20.82 -7.06
CA VAL A 226 -24.20 -21.78 -6.97
C VAL A 226 -24.74 -23.14 -6.51
N ARG A 227 -25.56 -23.14 -5.46
CA ARG A 227 -26.03 -24.39 -4.89
C ARG A 227 -26.83 -25.20 -5.91
N THR A 228 -27.82 -24.55 -6.55
CA THR A 228 -28.61 -25.23 -7.56
C THR A 228 -27.81 -25.57 -8.80
N LYS A 229 -26.60 -25.03 -8.96
CA LYS A 229 -25.75 -25.40 -10.07
C LYS A 229 -24.70 -26.43 -9.69
N LEU A 230 -24.70 -26.89 -8.44
CA LEU A 230 -23.84 -27.99 -8.05
C LEU A 230 -24.55 -29.34 -8.12
N MET A 231 -25.88 -29.33 -8.24
CA MET A 231 -26.62 -30.57 -8.49
C MET A 231 -26.13 -31.25 -9.75
N ASP A 232 -25.75 -30.48 -10.78
CA ASP A 232 -25.21 -31.07 -11.99
C ASP A 232 -23.84 -31.70 -11.73
N ALA A 233 -23.08 -31.14 -10.79
CA ALA A 233 -21.73 -31.63 -10.53
C ALA A 233 -21.75 -32.85 -9.61
N TYR A 234 -22.24 -32.67 -8.38
CA TYR A 234 -22.30 -33.74 -7.40
C TYR A 234 -23.74 -34.19 -7.25
N PRO A 235 -24.06 -35.43 -7.59
CA PRO A 235 -25.48 -35.84 -7.73
C PRO A 235 -26.29 -35.71 -6.45
N SER A 236 -25.85 -36.34 -5.37
CA SER A 236 -26.64 -36.41 -4.14
C SER A 236 -25.75 -36.18 -2.92
N ARG A 237 -24.91 -35.15 -2.98
CA ARG A 237 -23.96 -34.91 -1.91
C ARG A 237 -24.15 -33.57 -1.21
N ILE A 238 -24.62 -32.54 -1.90
CA ILE A 238 -24.85 -31.23 -1.32
C ILE A 238 -26.35 -31.01 -1.21
N SER A 239 -26.79 -30.51 -0.05
CA SER A 239 -28.21 -30.49 0.27
C SER A 239 -28.97 -29.51 -0.64
N PRO A 240 -30.19 -29.85 -1.03
CA PRO A 240 -31.01 -28.90 -1.81
C PRO A 240 -31.13 -27.52 -1.20
N THR A 241 -31.28 -27.43 0.12
CA THR A 241 -31.46 -26.13 0.76
C THR A 241 -30.44 -25.85 1.86
N GLY A 242 -29.50 -26.77 2.11
CA GLY A 242 -28.56 -26.63 3.20
C GLY A 242 -27.37 -25.75 2.86
N CYS A 243 -26.53 -25.56 3.87
CA CYS A 243 -25.31 -24.76 3.70
C CYS A 243 -24.30 -25.50 2.85
N LEU A 244 -23.47 -24.73 2.16
CA LEU A 244 -22.44 -25.32 1.30
C LEU A 244 -21.33 -25.95 2.15
N PRO A 245 -20.92 -27.18 1.82
CA PRO A 245 -19.81 -27.78 2.57
C PRO A 245 -18.52 -27.00 2.36
N ALA A 246 -17.69 -26.99 3.40
CA ALA A 246 -16.58 -26.04 3.46
C ALA A 246 -15.52 -26.31 2.40
N HIS A 247 -15.29 -27.57 2.05
CA HIS A 247 -14.17 -27.95 1.20
C HIS A 247 -14.53 -28.07 -0.27
N LEU A 248 -15.68 -27.53 -0.68
CA LEU A 248 -16.09 -27.56 -2.09
C LEU A 248 -16.11 -26.17 -2.71
N LEU A 249 -15.42 -25.20 -2.12
CA LEU A 249 -15.44 -23.82 -2.59
C LEU A 249 -14.28 -23.48 -3.53
N GLY A 250 -13.51 -24.47 -3.96
CA GLY A 250 -12.44 -24.19 -4.89
C GLY A 250 -11.17 -23.64 -4.25
N ASP A 251 -11.12 -23.56 -2.93
CA ASP A 251 -9.94 -23.10 -2.22
C ASP A 251 -9.80 -23.91 -0.93
N MET A 252 -8.68 -23.71 -0.25
CA MET A 252 -8.42 -24.50 0.96
C MET A 252 -9.37 -24.12 2.09
N TRP A 253 -9.64 -22.83 2.26
CA TRP A 253 -10.50 -22.34 3.33
C TRP A 253 -11.84 -21.83 2.85
N GLY A 254 -11.88 -21.16 1.71
CA GLY A 254 -13.08 -20.54 1.21
C GLY A 254 -13.02 -19.03 1.07
N ARG A 255 -11.83 -18.45 0.92
CA ARG A 255 -11.73 -17.00 0.79
C ARG A 255 -12.31 -16.52 -0.54
N PHE A 256 -12.08 -17.26 -1.62
CA PHE A 256 -12.56 -16.91 -2.94
C PHE A 256 -13.21 -18.11 -3.60
N TRP A 257 -14.22 -17.83 -4.43
CA TRP A 257 -14.94 -18.86 -5.17
C TRP A 257 -14.60 -18.81 -6.66
N THR A 258 -13.45 -18.22 -7.02
CA THR A 258 -13.16 -17.89 -8.40
C THR A 258 -12.93 -19.09 -9.30
N ASN A 259 -12.71 -20.27 -8.73
CA ASN A 259 -12.41 -21.46 -9.54
C ASN A 259 -13.65 -22.26 -9.87
N LEU A 260 -14.84 -21.80 -9.50
CA LEU A 260 -16.08 -22.50 -9.78
C LEU A 260 -16.74 -22.03 -11.07
N TYR A 261 -16.08 -21.18 -11.85
CA TYR A 261 -16.65 -20.71 -13.11
C TYR A 261 -16.84 -21.86 -14.09
N SER A 262 -15.87 -22.77 -14.16
CA SER A 262 -15.96 -23.86 -15.13
C SER A 262 -17.18 -24.74 -14.87
N LEU A 263 -17.53 -24.94 -13.59
CA LEU A 263 -18.69 -25.76 -13.27
C LEU A 263 -19.99 -25.00 -13.51
N THR A 264 -19.99 -23.69 -13.29
CA THR A 264 -21.18 -22.86 -13.38
C THR A 264 -20.96 -21.83 -14.48
N VAL A 265 -21.49 -22.10 -15.67
CA VAL A 265 -21.36 -21.17 -16.80
C VAL A 265 -22.75 -20.92 -17.38
N PRO A 266 -23.07 -19.67 -17.74
CA PRO A 266 -24.40 -19.39 -18.30
C PRO A 266 -24.61 -19.98 -19.69
N PHE A 267 -23.68 -19.69 -20.60
CA PHE A 267 -23.76 -20.16 -21.99
C PHE A 267 -22.39 -20.65 -22.42
N GLY A 268 -22.23 -21.98 -22.51
CA GLY A 268 -20.96 -22.54 -22.91
C GLY A 268 -20.66 -22.50 -24.39
N GLN A 269 -21.64 -22.12 -25.21
CA GLN A 269 -21.45 -22.10 -26.66
C GLN A 269 -20.73 -20.85 -27.15
N LYS A 270 -20.53 -19.84 -26.31
CA LYS A 270 -19.86 -18.63 -26.70
C LYS A 270 -18.63 -18.40 -25.84
N PRO A 271 -17.51 -17.98 -26.42
CA PRO A 271 -16.29 -17.79 -25.64
C PRO A 271 -16.18 -16.37 -25.11
N ASN A 272 -15.11 -16.13 -24.36
CA ASN A 272 -14.82 -14.80 -23.87
C ASN A 272 -13.90 -14.06 -24.85
N ILE A 273 -13.77 -12.76 -24.64
CA ILE A 273 -13.02 -11.90 -25.56
C ILE A 273 -11.53 -12.12 -25.38
N ASP A 274 -10.72 -12.01 -26.44
CA ASP A 274 -9.22 -12.11 -26.31
C ASP A 274 -8.78 -13.02 -25.17
N VAL A 275 -9.25 -14.24 -25.08
CA VAL A 275 -8.71 -15.11 -24.00
C VAL A 275 -7.42 -15.79 -24.48
N THR A 276 -6.27 -15.14 -24.28
CA THR A 276 -4.94 -15.73 -24.63
C THR A 276 -4.71 -15.92 -26.14
N ASP A 277 -5.12 -14.98 -27.00
CA ASP A 277 -4.88 -15.07 -28.43
C ASP A 277 -4.80 -13.66 -29.03
N THR A 278 -4.42 -13.48 -30.30
CA THR A 278 -4.32 -12.23 -31.04
C THR A 278 -3.11 -11.41 -30.60
N MET A 279 -2.51 -11.76 -29.46
CA MET A 279 -1.27 -11.11 -29.07
C MET A 279 -0.07 -11.90 -29.56
N VAL A 280 -0.22 -13.23 -29.66
CA VAL A 280 0.76 -14.03 -30.37
C VAL A 280 0.78 -13.64 -31.85
N ASN A 281 -0.40 -13.42 -32.42
CA ASN A 281 -0.49 -13.10 -33.84
C ASN A 281 -0.02 -11.68 -34.12
N GLN A 282 -0.43 -10.72 -33.29
CA GLN A 282 0.00 -9.34 -33.52
C GLN A 282 1.45 -9.11 -33.11
N GLY A 283 2.02 -9.97 -32.28
CA GLY A 283 3.41 -9.85 -31.90
C GLY A 283 3.69 -8.73 -30.93
N TRP A 284 3.14 -8.83 -29.72
CA TRP A 284 3.37 -7.84 -28.67
C TRP A 284 4.46 -8.32 -27.73
N ASP A 285 4.71 -7.55 -26.67
CA ASP A 285 5.69 -7.89 -25.66
C ASP A 285 5.38 -7.10 -24.39
N ALA A 286 6.23 -7.26 -23.38
CA ALA A 286 6.02 -6.56 -22.11
C ALA A 286 6.13 -5.05 -22.27
N GLU A 287 7.09 -4.58 -23.06
CA GLU A 287 7.28 -3.15 -23.23
C GLU A 287 6.04 -2.50 -23.85
N ARG A 288 5.47 -3.14 -24.87
CA ARG A 288 4.26 -2.60 -25.48
C ARG A 288 3.08 -2.63 -24.52
N ILE A 289 3.00 -3.69 -23.69
CA ILE A 289 1.92 -3.79 -22.72
C ILE A 289 1.98 -2.63 -21.73
N PHE A 290 3.16 -2.39 -21.16
CA PHE A 290 3.31 -1.29 -20.22
C PHE A 290 3.12 0.05 -20.89
N LYS A 291 3.54 0.18 -22.15
CA LYS A 291 3.32 1.42 -22.88
C LYS A 291 1.84 1.70 -23.05
N GLU A 292 1.05 0.66 -23.36
CA GLU A 292 -0.39 0.84 -23.51
C GLU A 292 -1.04 1.17 -22.17
N ALA A 293 -0.57 0.56 -21.08
CA ALA A 293 -1.08 0.92 -19.76
C ALA A 293 -0.82 2.39 -19.45
N GLU A 294 0.41 2.86 -19.73
CA GLU A 294 0.74 4.26 -19.53
C GLU A 294 -0.13 5.16 -20.39
N LYS A 295 -0.40 4.74 -21.64
CA LYS A 295 -1.24 5.53 -22.52
C LYS A 295 -2.66 5.65 -21.97
N PHE A 296 -3.22 4.54 -21.48
CA PHE A 296 -4.54 4.58 -20.88
C PHE A 296 -4.57 5.54 -19.69
N PHE A 297 -3.52 5.49 -18.85
CA PHE A 297 -3.53 6.34 -17.67
C PHE A 297 -3.32 7.81 -18.01
N VAL A 298 -2.57 8.13 -19.06
CA VAL A 298 -2.40 9.55 -19.38
C VAL A 298 -3.65 10.07 -20.08
N SER A 299 -4.39 9.20 -20.76
CA SER A 299 -5.63 9.64 -21.40
C SER A 299 -6.69 10.08 -20.40
N VAL A 300 -6.52 9.79 -19.11
CA VAL A 300 -7.47 10.25 -18.10
C VAL A 300 -7.05 11.57 -17.47
N GLY A 301 -5.75 11.81 -17.30
CA GLY A 301 -5.29 13.08 -16.79
C GLY A 301 -4.31 12.98 -15.64
N LEU A 302 -3.86 11.76 -15.34
CA LEU A 302 -2.91 11.51 -14.27
C LEU A 302 -1.49 11.51 -14.82
N PRO A 303 -0.50 11.87 -13.99
CA PRO A 303 0.86 11.99 -14.51
C PRO A 303 1.44 10.66 -14.97
N SER A 304 2.33 10.72 -15.95
CA SER A 304 2.96 9.55 -16.52
C SER A 304 4.16 9.12 -15.69
N MET A 305 4.63 7.91 -15.96
CA MET A 305 5.71 7.33 -15.17
C MET A 305 7.05 7.96 -15.51
N THR A 306 7.97 7.89 -14.55
CA THR A 306 9.31 8.44 -14.72
C THR A 306 10.22 7.44 -15.44
N GLN A 307 11.34 7.95 -15.94
CA GLN A 307 12.27 7.11 -16.69
C GLN A 307 12.92 6.06 -15.80
N GLY A 308 13.21 6.41 -14.54
CA GLY A 308 13.79 5.44 -13.63
C GLY A 308 12.98 4.18 -13.46
N PHE A 309 11.66 4.29 -13.61
CA PHE A 309 10.81 3.10 -13.59
C PHE A 309 11.15 2.16 -14.74
N TRP A 310 11.37 2.72 -15.94
CA TRP A 310 11.78 1.89 -17.07
C TRP A 310 13.20 1.36 -16.92
N GLU A 311 14.10 2.14 -16.32
CA GLU A 311 15.51 1.77 -16.27
C GLU A 311 15.83 0.75 -15.19
N ASN A 312 15.35 0.95 -13.96
CA ASN A 312 15.74 0.09 -12.86
C ASN A 312 14.86 -1.14 -12.71
N SER A 313 13.55 -0.99 -12.87
CA SER A 313 12.63 -2.10 -12.66
C SER A 313 12.84 -3.18 -13.72
N MET A 314 12.80 -4.44 -13.28
CA MET A 314 12.88 -5.58 -14.19
C MET A 314 11.46 -5.92 -14.62
N LEU A 315 11.29 -6.25 -15.90
CA LEU A 315 9.98 -6.47 -16.48
C LEU A 315 9.85 -7.82 -17.17
N THR A 316 10.80 -8.72 -16.96
CA THR A 316 10.76 -10.05 -17.56
C THR A 316 11.65 -10.97 -16.75
N GLU A 317 11.50 -12.27 -16.98
CA GLU A 317 12.35 -13.24 -16.32
C GLU A 317 13.81 -13.02 -16.72
N PRO A 318 14.73 -12.91 -15.78
CA PRO A 318 16.13 -12.68 -16.14
C PRO A 318 16.68 -13.81 -17.00
N GLY A 319 17.54 -13.45 -17.96
CA GLY A 319 18.18 -14.39 -18.83
C GLY A 319 19.52 -14.92 -18.36
N ASP A 320 19.95 -14.56 -17.16
CA ASP A 320 21.25 -14.96 -16.64
C ASP A 320 21.17 -16.15 -15.68
N GLY A 321 19.99 -16.76 -15.55
CA GLY A 321 19.83 -17.94 -14.71
C GLY A 321 19.68 -17.66 -13.23
N ARG A 322 19.69 -16.40 -12.82
CA ARG A 322 19.55 -16.07 -11.41
C ARG A 322 18.15 -16.45 -10.92
N LYS A 323 18.10 -17.03 -9.72
CA LYS A 323 16.84 -17.51 -9.15
C LYS A 323 16.11 -16.36 -8.47
N VAL A 324 14.85 -16.16 -8.84
CA VAL A 324 13.99 -15.16 -8.21
C VAL A 324 12.61 -15.78 -7.99
N VAL A 325 11.89 -15.22 -7.03
CA VAL A 325 10.48 -15.57 -6.89
C VAL A 325 9.64 -14.73 -7.86
N CYS A 326 9.93 -13.43 -7.92
CA CYS A 326 9.32 -12.50 -8.87
C CYS A 326 7.78 -12.54 -8.81
N HIS A 327 7.25 -12.78 -7.63
CA HIS A 327 5.83 -12.56 -7.38
C HIS A 327 5.54 -11.08 -7.61
N PRO A 328 4.63 -10.74 -8.53
CA PRO A 328 4.50 -9.33 -8.95
C PRO A 328 4.18 -8.41 -7.78
N THR A 329 4.86 -7.27 -7.74
CA THR A 329 4.69 -6.33 -6.65
C THR A 329 5.16 -4.95 -7.09
N ALA A 330 4.69 -3.94 -6.36
CA ALA A 330 5.08 -2.55 -6.58
C ALA A 330 5.78 -2.03 -5.33
N TRP A 331 7.03 -1.62 -5.49
CA TRP A 331 7.88 -1.22 -4.38
C TRP A 331 8.02 0.30 -4.37
N ASP A 332 7.83 0.90 -3.20
CA ASP A 332 8.12 2.31 -2.95
C ASP A 332 9.22 2.33 -1.90
N LEU A 333 10.46 2.60 -2.32
CA LEU A 333 11.58 2.50 -1.40
C LEU A 333 11.87 3.80 -0.66
N GLY A 334 11.11 4.85 -0.92
CA GLY A 334 11.42 6.15 -0.37
C GLY A 334 12.39 6.92 -1.26
N LYS A 335 12.54 8.20 -0.93
CA LYS A 335 13.38 9.11 -1.70
C LYS A 335 12.99 9.11 -3.18
N GLY A 336 11.69 9.00 -3.42
CA GLY A 336 11.16 9.11 -4.77
C GLY A 336 11.44 7.95 -5.68
N ASP A 337 11.75 6.77 -5.14
CA ASP A 337 12.09 5.61 -5.95
C ASP A 337 10.93 4.63 -5.92
N PHE A 338 10.33 4.41 -7.10
CA PHE A 338 9.22 3.48 -7.27
C PHE A 338 9.58 2.49 -8.37
N ARG A 339 9.26 1.22 -8.13
CA ARG A 339 9.63 0.15 -9.05
C ARG A 339 8.51 -0.89 -9.10
N ILE A 340 8.51 -1.68 -10.17
CA ILE A 340 7.60 -2.81 -10.31
C ILE A 340 8.41 -4.05 -10.62
N LYS A 341 8.22 -5.10 -9.83
CA LYS A 341 8.92 -6.37 -10.02
C LYS A 341 7.90 -7.42 -10.41
N MET A 342 7.96 -7.89 -11.65
CA MET A 342 6.98 -8.83 -12.17
C MET A 342 7.53 -9.54 -13.39
N CYS A 343 7.38 -10.86 -13.42
CA CYS A 343 7.78 -11.67 -14.57
C CYS A 343 6.66 -11.62 -15.60
N THR A 344 6.98 -11.14 -16.80
CA THR A 344 5.96 -10.88 -17.80
C THR A 344 5.59 -12.14 -18.57
N LYS A 345 4.40 -12.10 -19.16
CA LYS A 345 3.92 -13.13 -20.08
C LYS A 345 3.03 -12.45 -21.11
N VAL A 346 2.35 -13.24 -21.93
CA VAL A 346 1.54 -12.69 -23.02
C VAL A 346 0.10 -13.16 -22.81
N THR A 347 -0.30 -13.30 -21.56
CA THR A 347 -1.68 -13.61 -21.20
C THR A 347 -2.45 -12.34 -20.86
N MET A 348 -3.78 -12.50 -20.73
CA MET A 348 -4.62 -11.36 -20.36
C MET A 348 -4.47 -10.98 -18.89
N ASP A 349 -4.22 -11.97 -18.03
CA ASP A 349 -4.06 -11.69 -16.61
C ASP A 349 -2.88 -10.76 -16.36
N ASN A 350 -1.78 -10.96 -17.08
CA ASN A 350 -0.66 -10.02 -17.00
C ASN A 350 -1.06 -8.64 -17.51
N PHE A 351 -1.88 -8.60 -18.56
CA PHE A 351 -2.34 -7.34 -19.11
C PHE A 351 -3.11 -6.53 -18.08
N LEU A 352 -3.98 -7.19 -17.31
CA LEU A 352 -4.73 -6.49 -16.28
C LEU A 352 -3.89 -6.19 -15.04
N THR A 353 -2.99 -7.11 -14.67
CA THR A 353 -2.16 -6.91 -13.49
C THR A 353 -1.20 -5.75 -13.67
N ALA A 354 -0.73 -5.52 -14.90
CA ALA A 354 0.09 -4.34 -15.16
C ALA A 354 -0.66 -3.07 -14.79
N HIS A 355 -1.92 -2.97 -15.21
CA HIS A 355 -2.72 -1.79 -14.87
C HIS A 355 -2.96 -1.69 -13.37
N HIS A 356 -3.21 -2.81 -12.71
CA HIS A 356 -3.43 -2.79 -11.26
C HIS A 356 -2.21 -2.26 -10.52
N GLU A 357 -1.03 -2.81 -10.85
CA GLU A 357 0.19 -2.36 -10.18
C GLU A 357 0.53 -0.92 -10.56
N MET A 358 0.17 -0.49 -11.77
CA MET A 358 0.44 0.90 -12.13
C MET A 358 -0.47 1.84 -11.35
N GLY A 359 -1.70 1.40 -11.05
CA GLY A 359 -2.53 2.18 -10.13
C GLY A 359 -1.94 2.25 -8.74
N HIS A 360 -1.37 1.19 -8.16
CA HIS A 360 -0.73 1.37 -6.82
C HIS A 360 0.44 2.30 -6.97
N ILE A 361 1.24 2.17 -8.03
CA ILE A 361 2.37 3.10 -8.08
C ILE A 361 1.87 4.53 -8.22
N GLN A 362 0.74 4.74 -8.89
CA GLN A 362 0.16 6.09 -8.96
C GLN A 362 -0.22 6.59 -7.58
N TYR A 363 -0.84 5.73 -6.78
CA TYR A 363 -1.13 6.10 -5.39
C TYR A 363 0.17 6.36 -4.64
N ASP A 364 1.21 5.56 -4.90
CA ASP A 364 2.49 5.78 -4.24
C ASP A 364 3.02 7.19 -4.52
N MET A 365 3.02 7.60 -5.79
CA MET A 365 3.48 8.95 -6.12
C MET A 365 2.49 10.04 -5.71
N ALA A 366 1.25 9.68 -5.38
CA ALA A 366 0.26 10.70 -5.06
C ALA A 366 0.65 11.54 -3.86
N TYR A 367 1.03 10.90 -2.75
CA TYR A 367 1.23 11.58 -1.48
C TYR A 367 2.70 11.65 -1.06
N ALA A 368 3.61 11.70 -2.03
CA ALA A 368 5.03 11.78 -1.71
C ALA A 368 5.42 13.11 -1.08
N THR A 369 4.56 14.11 -1.11
CA THR A 369 4.89 15.43 -0.56
C THR A 369 4.57 15.57 0.92
N GLN A 370 3.79 14.65 1.49
CA GLN A 370 3.47 14.70 2.91
C GLN A 370 4.72 14.38 3.74
N PRO A 371 4.75 14.82 5.00
CA PRO A 371 5.84 14.44 5.89
C PRO A 371 5.92 12.93 6.08
N PHE A 372 7.08 12.48 6.59
CA PHE A 372 7.39 11.05 6.59
C PHE A 372 6.38 10.25 7.38
N LEU A 373 6.02 10.73 8.58
CA LEU A 373 5.18 9.95 9.48
C LEU A 373 3.75 9.78 8.97
N LEU A 374 3.35 10.53 7.94
CA LEU A 374 2.00 10.46 7.42
C LEU A 374 1.92 9.90 6.01
N ARG A 375 3.03 9.47 5.43
CA ARG A 375 3.05 8.91 4.08
C ARG A 375 2.52 7.48 4.15
N ASN A 376 1.20 7.34 4.02
CA ASN A 376 0.50 6.06 4.04
C ASN A 376 -0.91 6.32 3.50
N GLY A 377 -1.72 5.25 3.51
CA GLY A 377 -3.10 5.39 3.13
C GLY A 377 -3.93 6.03 4.23
N ALA A 378 -5.14 6.44 3.86
CA ALA A 378 -6.05 7.01 4.85
C ALA A 378 -6.40 5.99 5.92
N ASN A 379 -6.69 4.76 5.51
CA ASN A 379 -6.71 3.61 6.41
C ASN A 379 -6.14 2.42 5.64
N GLU A 380 -6.38 1.22 6.15
CA GLU A 380 -5.79 0.03 5.55
C GLU A 380 -6.53 -0.48 4.32
N GLY A 381 -7.55 0.23 3.84
CA GLY A 381 -8.29 -0.23 2.68
C GLY A 381 -8.13 0.62 1.44
N PHE A 382 -7.78 1.89 1.62
CA PHE A 382 -7.72 2.82 0.50
C PHE A 382 -6.69 2.40 -0.55
N HIS A 383 -5.52 1.94 -0.09
CA HIS A 383 -4.44 1.63 -1.01
C HIS A 383 -4.83 0.49 -1.95
N GLU A 384 -5.47 -0.55 -1.42
CA GLU A 384 -5.90 -1.64 -2.28
C GLU A 384 -7.13 -1.28 -3.08
N ALA A 385 -7.99 -0.40 -2.56
CA ALA A 385 -9.20 -0.03 -3.30
C ALA A 385 -8.88 0.82 -4.51
N VAL A 386 -7.82 1.64 -4.44
CA VAL A 386 -7.52 2.55 -5.54
C VAL A 386 -7.11 1.78 -6.79
N GLY A 387 -6.36 0.70 -6.64
CA GLY A 387 -5.77 0.02 -7.78
C GLY A 387 -6.66 -0.94 -8.54
N GLU A 388 -7.85 -1.24 -8.03
CA GLU A 388 -8.72 -2.23 -8.68
C GLU A 388 -9.70 -1.62 -9.68
N ILE A 389 -10.02 -0.33 -9.55
CA ILE A 389 -10.91 0.29 -10.51
C ILE A 389 -10.28 0.34 -11.89
N MET A 390 -8.95 0.43 -11.96
CA MET A 390 -8.27 0.41 -13.24
C MET A 390 -8.45 -0.93 -13.94
N SER A 391 -8.32 -2.03 -13.19
CA SER A 391 -8.58 -3.35 -13.75
C SER A 391 -10.03 -3.50 -14.17
N LEU A 392 -10.95 -2.92 -13.37
CA LEU A 392 -12.36 -2.95 -13.74
C LEU A 392 -12.61 -2.25 -15.07
N SER A 393 -11.99 -1.07 -15.25
CA SER A 393 -12.24 -0.28 -16.45
C SER A 393 -11.53 -0.84 -17.68
N ALA A 394 -10.37 -1.48 -17.50
CA ALA A 394 -9.59 -1.94 -18.64
C ALA A 394 -10.27 -3.08 -19.40
N ALA A 395 -11.06 -3.91 -18.72
CA ALA A 395 -11.65 -5.10 -19.32
C ALA A 395 -12.94 -4.81 -20.06
N THR A 396 -13.22 -3.55 -20.39
CA THR A 396 -14.47 -3.38 -21.11
C THR A 396 -14.24 -3.48 -22.62
N PRO A 397 -15.20 -4.02 -23.37
CA PRO A 397 -14.99 -4.18 -24.81
C PRO A 397 -14.73 -2.89 -25.56
N GLU A 398 -15.17 -1.74 -25.03
CA GLU A 398 -14.92 -0.47 -25.71
C GLU A 398 -13.43 -0.20 -25.83
N HIS A 399 -12.69 -0.36 -24.73
CA HIS A 399 -11.26 -0.14 -24.76
C HIS A 399 -10.54 -1.16 -25.64
N LEU A 400 -10.98 -2.42 -25.58
CA LEU A 400 -10.35 -3.46 -26.37
C LEU A 400 -10.56 -3.21 -27.86
N LYS A 401 -11.73 -2.67 -28.23
CA LYS A 401 -11.96 -2.31 -29.62
C LYS A 401 -11.18 -1.07 -30.01
N SER A 402 -11.03 -0.12 -29.09
CA SER A 402 -10.27 1.09 -29.38
C SER A 402 -8.80 0.79 -29.61
N ILE A 403 -8.23 -0.12 -28.81
CA ILE A 403 -6.83 -0.50 -28.99
C ILE A 403 -6.61 -1.14 -30.34
N GLY A 404 -7.50 -2.04 -30.74
CA GLY A 404 -7.38 -2.77 -31.98
C GLY A 404 -7.29 -4.27 -31.82
N LEU A 405 -7.29 -4.80 -30.59
CA LEU A 405 -7.21 -6.24 -30.39
C LEU A 405 -8.51 -6.96 -30.74
N LEU A 406 -9.58 -6.22 -31.02
CA LEU A 406 -10.87 -6.81 -31.35
C LEU A 406 -11.37 -6.24 -32.67
N PRO A 407 -12.13 -7.02 -33.43
CA PRO A 407 -12.71 -6.49 -34.67
C PRO A 407 -13.65 -5.33 -34.39
N TYR A 408 -13.69 -4.37 -35.31
CA TYR A 408 -14.53 -3.19 -35.11
C TYR A 408 -16.01 -3.50 -35.27
N ASP A 409 -16.34 -4.57 -36.01
CA ASP A 409 -17.73 -4.93 -36.22
C ASP A 409 -18.27 -5.92 -35.18
N PHE A 410 -17.43 -6.34 -34.24
CA PHE A 410 -17.88 -7.21 -33.16
C PHE A 410 -18.77 -6.41 -32.23
N HIS A 411 -20.04 -6.81 -32.13
CA HIS A 411 -21.00 -6.10 -31.29
C HIS A 411 -20.88 -6.59 -29.84
N GLU A 412 -21.56 -5.92 -28.93
CA GLU A 412 -21.62 -6.33 -27.52
C GLU A 412 -22.74 -7.36 -27.40
N ASP A 413 -22.36 -8.63 -27.45
CA ASP A 413 -23.35 -9.71 -27.40
C ASP A 413 -24.03 -9.75 -26.04
N ASN A 414 -25.27 -10.24 -26.03
CA ASN A 414 -26.05 -10.29 -24.80
C ASN A 414 -25.43 -11.23 -23.77
N GLU A 415 -24.87 -12.36 -24.21
CA GLU A 415 -24.40 -13.37 -23.29
C GLU A 415 -23.07 -12.97 -22.65
N THR A 416 -22.22 -12.26 -23.41
CA THR A 416 -20.89 -11.93 -22.93
C THR A 416 -20.94 -11.04 -21.69
N GLU A 417 -21.86 -10.07 -21.67
CA GLU A 417 -21.95 -9.15 -20.55
C GLU A 417 -22.30 -9.89 -19.26
N ILE A 418 -23.30 -10.78 -19.31
CA ILE A 418 -23.70 -11.49 -18.11
C ILE A 418 -22.64 -12.50 -17.70
N ASN A 419 -21.93 -13.09 -18.67
CA ASN A 419 -20.81 -13.95 -18.31
C ASN A 419 -19.74 -13.19 -17.54
N PHE A 420 -19.39 -11.99 -18.03
CA PHE A 420 -18.38 -11.17 -17.38
C PHE A 420 -18.84 -10.80 -15.96
N LEU A 421 -20.11 -10.40 -15.83
CA LEU A 421 -20.62 -10.00 -14.53
C LEU A 421 -20.64 -11.17 -13.55
N LEU A 422 -21.03 -12.35 -14.00
CA LEU A 422 -21.03 -13.53 -13.13
C LEU A 422 -19.63 -13.87 -12.69
N LYS A 423 -18.66 -13.80 -13.60
CA LYS A 423 -17.28 -14.12 -13.22
C LYS A 423 -16.75 -13.13 -12.20
N GLN A 424 -17.07 -11.85 -12.35
CA GLN A 424 -16.64 -10.87 -11.36
C GLN A 424 -17.31 -11.09 -10.01
N ALA A 425 -18.61 -11.40 -10.02
CA ALA A 425 -19.32 -11.61 -8.77
C ALA A 425 -18.86 -12.88 -8.07
N LEU A 426 -18.33 -13.84 -8.82
CA LEU A 426 -17.80 -15.06 -8.20
C LEU A 426 -16.60 -14.77 -7.31
N THR A 427 -15.98 -13.61 -7.44
CA THR A 427 -14.81 -13.24 -6.66
C THR A 427 -15.09 -12.10 -5.68
N ILE A 428 -15.78 -11.04 -6.12
CA ILE A 428 -15.89 -9.85 -5.28
C ILE A 428 -16.85 -10.07 -4.12
N VAL A 429 -18.04 -10.61 -4.40
CA VAL A 429 -19.08 -10.68 -3.39
C VAL A 429 -18.74 -11.72 -2.32
N GLY A 430 -18.20 -12.86 -2.71
CA GLY A 430 -18.08 -14.00 -1.82
C GLY A 430 -17.05 -13.85 -0.72
N THR A 431 -16.22 -12.81 -0.75
CA THR A 431 -15.15 -12.66 0.22
C THR A 431 -15.54 -11.80 1.43
N LEU A 432 -16.73 -11.21 1.43
CA LEU A 432 -17.10 -10.27 2.49
C LEU A 432 -17.54 -10.96 3.78
N PRO A 433 -18.49 -11.91 3.75
CA PRO A 433 -18.88 -12.56 5.01
C PRO A 433 -17.74 -13.25 5.73
N PHE A 434 -16.80 -13.85 4.98
CA PHE A 434 -15.67 -14.53 5.60
C PHE A 434 -14.81 -13.56 6.39
N THR A 435 -14.50 -12.40 5.78
CA THR A 435 -13.70 -11.39 6.46
C THR A 435 -14.43 -10.86 7.69
N TYR A 436 -15.73 -10.59 7.54
CA TYR A 436 -16.51 -10.09 8.67
C TYR A 436 -16.48 -11.08 9.83
N MET A 437 -16.67 -12.37 9.53
CA MET A 437 -16.61 -13.40 10.55
C MET A 437 -15.25 -13.43 11.25
N LEU A 438 -14.17 -13.46 10.47
CA LEU A 438 -12.85 -13.58 11.07
C LEU A 438 -12.58 -12.43 12.02
N GLU A 439 -12.83 -11.20 11.57
CA GLU A 439 -12.56 -10.04 12.41
C GLU A 439 -13.45 -10.04 13.65
N LYS A 440 -14.73 -10.38 13.50
CA LYS A 440 -15.62 -10.39 14.65
C LYS A 440 -15.19 -11.42 15.68
N TRP A 441 -14.83 -12.62 15.23
CA TRP A 441 -14.42 -13.67 16.17
C TRP A 441 -13.16 -13.27 16.92
N ARG A 442 -12.17 -12.74 16.20
CA ARG A 442 -10.93 -12.34 16.87
C ARG A 442 -11.16 -11.20 17.86
N TRP A 443 -12.01 -10.24 17.50
CA TRP A 443 -12.32 -9.16 18.42
C TRP A 443 -13.04 -9.69 19.67
N MET A 444 -13.95 -10.63 19.49
CA MET A 444 -14.65 -11.20 20.64
C MET A 444 -13.68 -11.98 21.53
N VAL A 445 -12.73 -12.68 20.93
CA VAL A 445 -11.73 -13.40 21.71
C VAL A 445 -10.90 -12.42 22.53
N PHE A 446 -10.44 -11.33 21.90
CA PHE A 446 -9.62 -10.37 22.64
C PHE A 446 -10.43 -9.60 23.68
N LYS A 447 -11.74 -9.49 23.49
CA LYS A 447 -12.57 -8.75 24.45
C LYS A 447 -12.66 -9.46 25.78
N GLY A 448 -12.51 -10.78 25.79
CA GLY A 448 -12.68 -11.56 27.00
C GLY A 448 -14.11 -11.95 27.31
N GLU A 449 -15.06 -11.63 26.42
CA GLU A 449 -16.44 -12.01 26.66
C GLU A 449 -16.62 -13.51 26.67
N ILE A 450 -15.97 -14.20 25.74
CA ILE A 450 -16.07 -15.67 25.68
C ILE A 450 -14.96 -16.26 26.55
N PRO A 451 -15.29 -17.23 27.41
CA PRO A 451 -14.26 -17.83 28.28
C PRO A 451 -13.24 -18.62 27.48
N LYS A 452 -12.25 -19.15 28.19
CA LYS A 452 -11.12 -19.80 27.53
C LYS A 452 -11.50 -21.15 26.93
N GLU A 453 -12.42 -21.87 27.56
CA GLU A 453 -12.74 -23.24 27.14
C GLU A 453 -13.88 -23.31 26.13
N GLN A 454 -14.43 -22.18 25.71
CA GLN A 454 -15.54 -22.16 24.75
C GLN A 454 -15.15 -21.46 23.46
N TRP A 455 -13.87 -21.42 23.12
CA TRP A 455 -13.43 -20.76 21.90
C TRP A 455 -14.01 -21.41 20.66
N MET A 456 -13.52 -22.62 20.37
CA MET A 456 -13.67 -23.17 19.02
C MET A 456 -15.13 -23.37 18.65
N GLN A 457 -15.90 -23.96 19.56
CA GLN A 457 -17.32 -24.18 19.30
C GLN A 457 -18.00 -22.88 18.87
N LYS A 458 -17.76 -21.81 19.62
CA LYS A 458 -18.41 -20.54 19.31
C LYS A 458 -18.07 -20.10 17.89
N TRP A 459 -16.79 -20.27 17.50
CA TRP A 459 -16.37 -19.93 16.15
C TRP A 459 -17.27 -20.60 15.12
N TRP A 460 -17.47 -21.92 15.25
CA TRP A 460 -18.23 -22.63 14.25
C TRP A 460 -19.66 -22.13 14.18
N GLU A 461 -20.20 -21.67 15.30
CA GLU A 461 -21.55 -21.13 15.29
C GLU A 461 -21.65 -19.98 14.29
N MET A 462 -20.68 -19.08 14.33
CA MET A 462 -20.71 -17.95 13.40
C MET A 462 -20.67 -18.41 11.96
N LYS A 463 -20.01 -19.53 11.68
CA LYS A 463 -19.96 -20.04 10.31
C LYS A 463 -21.36 -20.30 9.78
N ARG A 464 -22.26 -20.74 10.64
CA ARG A 464 -23.62 -21.02 10.21
C ARG A 464 -24.52 -19.80 10.25
N GLU A 465 -24.05 -18.70 10.84
CA GLU A 465 -24.93 -17.55 11.06
C GLU A 465 -24.71 -16.44 10.06
N ILE A 466 -23.48 -16.27 9.57
CA ILE A 466 -23.18 -15.17 8.66
C ILE A 466 -22.94 -15.69 7.24
N VAL A 467 -21.95 -16.58 7.09
CA VAL A 467 -21.52 -17.00 5.76
C VAL A 467 -22.31 -18.21 5.25
N GLY A 468 -22.89 -18.99 6.15
CA GLY A 468 -23.62 -20.17 5.73
C GLY A 468 -22.75 -21.31 5.25
N VAL A 469 -21.69 -21.63 5.98
CA VAL A 469 -20.79 -22.74 5.68
C VAL A 469 -20.79 -23.68 6.87
N VAL A 470 -20.97 -24.97 6.60
CA VAL A 470 -21.08 -26.00 7.62
C VAL A 470 -19.78 -26.79 7.67
N GLU A 471 -19.31 -27.07 8.88
CA GLU A 471 -18.09 -27.85 9.04
C GLU A 471 -18.31 -29.27 8.53
N PRO A 472 -17.33 -29.85 7.84
CA PRO A 472 -17.50 -31.22 7.33
C PRO A 472 -17.23 -32.28 8.39
N MET A 473 -16.43 -31.96 9.39
CA MET A 473 -16.14 -32.89 10.47
C MET A 473 -16.26 -32.19 11.81
N PRO A 474 -16.66 -32.92 12.86
CA PRO A 474 -16.76 -32.31 14.18
C PRO A 474 -15.39 -31.89 14.71
N HIS A 475 -15.39 -30.80 15.49
CA HIS A 475 -14.18 -30.24 16.06
C HIS A 475 -14.38 -30.00 17.54
N ASP A 476 -13.47 -30.52 18.37
CA ASP A 476 -13.50 -30.28 19.80
C ASP A 476 -12.64 -29.06 20.14
N GLU A 477 -12.37 -28.85 21.42
CA GLU A 477 -11.67 -27.65 21.86
C GLU A 477 -10.16 -27.71 21.61
N THR A 478 -9.60 -28.89 21.33
CA THR A 478 -8.17 -29.01 21.14
C THR A 478 -7.72 -28.29 19.87
N TYR A 479 -8.55 -28.30 18.83
CA TYR A 479 -8.20 -27.66 17.57
C TYR A 479 -8.01 -26.15 17.75
N CYS A 480 -7.43 -25.53 16.72
CA CYS A 480 -7.40 -24.07 16.58
C CYS A 480 -7.60 -23.81 15.09
N ASP A 481 -8.87 -23.65 14.69
CA ASP A 481 -9.21 -23.54 13.27
C ASP A 481 -8.61 -22.33 12.60
N PRO A 482 -8.71 -21.10 13.13
CA PRO A 482 -8.12 -19.95 12.43
C PRO A 482 -6.60 -20.00 12.39
N ALA A 483 -5.96 -20.79 13.25
CA ALA A 483 -4.51 -20.90 13.21
C ALA A 483 -3.99 -21.46 11.90
N ALA A 484 -4.83 -22.22 11.18
CA ALA A 484 -4.42 -22.74 9.88
C ALA A 484 -4.27 -21.65 8.84
N LEU A 485 -4.99 -20.54 8.98
CA LEU A 485 -4.91 -19.45 8.02
C LEU A 485 -3.59 -18.70 8.16
N PHE A 486 -3.08 -18.24 7.02
CA PHE A 486 -1.79 -17.55 7.02
C PHE A 486 -1.85 -16.23 7.77
N HIS A 487 -2.95 -15.48 7.61
CA HIS A 487 -3.05 -14.16 8.24
C HIS A 487 -3.24 -14.22 9.74
N VAL A 488 -3.52 -15.40 10.29
CA VAL A 488 -3.70 -15.55 11.73
C VAL A 488 -2.47 -16.15 12.40
N ALA A 489 -1.84 -17.13 11.74
CA ALA A 489 -0.60 -17.70 12.28
C ALA A 489 0.48 -16.63 12.40
N ASN A 490 0.61 -15.79 11.39
CA ASN A 490 1.37 -14.55 11.49
C ASN A 490 0.35 -13.44 11.63
N ASP A 491 0.22 -12.90 12.84
CA ASP A 491 -0.94 -12.09 13.20
C ASP A 491 -1.00 -10.81 12.38
N TYR A 492 -2.10 -10.64 11.65
CA TYR A 492 -2.37 -9.45 10.86
C TYR A 492 -3.86 -9.13 10.96
N SER A 493 -4.21 -7.91 10.58
CA SER A 493 -5.61 -7.52 10.56
C SER A 493 -6.33 -8.13 9.35
N PHE A 494 -7.65 -8.05 9.37
CA PHE A 494 -8.45 -8.65 8.30
C PHE A 494 -9.57 -7.76 7.75
N ILE A 495 -10.08 -6.80 8.51
CA ILE A 495 -11.22 -5.98 8.06
C ILE A 495 -10.87 -5.07 6.89
N ARG A 496 -9.59 -4.93 6.59
CA ARG A 496 -9.16 -4.08 5.49
C ARG A 496 -9.74 -4.55 4.17
N TYR A 497 -9.97 -5.86 4.02
CA TYR A 497 -10.54 -6.38 2.78
C TYR A 497 -11.99 -5.93 2.61
N TYR A 498 -12.79 -6.00 3.69
CA TYR A 498 -14.15 -5.50 3.67
C TYR A 498 -14.18 -4.02 3.30
N THR A 499 -13.36 -3.22 3.97
CA THR A 499 -13.35 -1.78 3.69
C THR A 499 -12.95 -1.51 2.25
N ARG A 500 -11.94 -2.23 1.75
CA ARG A 500 -11.49 -2.06 0.37
C ARG A 500 -12.60 -2.38 -0.62
N THR A 501 -13.30 -3.49 -0.38
CA THR A 501 -14.35 -3.91 -1.30
C THR A 501 -15.46 -2.87 -1.39
N ILE A 502 -15.84 -2.28 -0.25
CA ILE A 502 -16.88 -1.24 -0.31
C ILE A 502 -16.35 0.02 -1.01
N TYR A 503 -15.14 0.45 -0.63
CA TYR A 503 -14.64 1.73 -1.11
C TYR A 503 -14.40 1.72 -2.61
N GLN A 504 -13.94 0.58 -3.16
CA GLN A 504 -13.63 0.56 -4.59
C GLN A 504 -14.86 0.82 -5.44
N PHE A 505 -16.00 0.23 -5.07
CA PHE A 505 -17.21 0.45 -5.85
C PHE A 505 -17.81 1.82 -5.58
N GLN A 506 -17.69 2.34 -4.36
CA GLN A 506 -18.05 3.74 -4.15
C GLN A 506 -17.28 4.65 -5.10
N PHE A 507 -15.96 4.45 -5.19
CA PHE A 507 -15.12 5.27 -6.05
C PHE A 507 -15.51 5.14 -7.51
N GLN A 508 -15.74 3.90 -7.97
CA GLN A 508 -16.08 3.69 -9.37
C GLN A 508 -17.41 4.33 -9.73
N GLU A 509 -18.41 4.18 -8.86
CA GLU A 509 -19.70 4.81 -9.10
C GLU A 509 -19.56 6.32 -9.19
N ALA A 510 -18.83 6.92 -8.25
CA ALA A 510 -18.66 8.37 -8.27
C ALA A 510 -17.96 8.82 -9.56
N LEU A 511 -16.88 8.14 -9.94
CA LEU A 511 -16.12 8.56 -11.11
C LEU A 511 -16.93 8.42 -12.38
N CYS A 512 -17.62 7.29 -12.56
CA CYS A 512 -18.43 7.11 -13.77
C CYS A 512 -19.59 8.10 -13.79
N GLN A 513 -20.22 8.38 -12.63
CA GLN A 513 -21.26 9.39 -12.59
C GLN A 513 -20.71 10.75 -13.01
N ALA A 514 -19.45 11.01 -12.70
CA ALA A 514 -18.80 12.22 -13.20
C ALA A 514 -18.40 12.10 -14.67
N ALA A 515 -18.46 10.91 -15.25
CA ALA A 515 -18.00 10.69 -16.62
C ALA A 515 -19.11 10.80 -17.66
N GLN A 516 -20.34 11.11 -17.23
CA GLN A 516 -21.47 11.28 -18.15
C GLN A 516 -21.70 10.03 -19.00
N HIS A 517 -21.64 8.87 -18.36
CA HIS A 517 -21.87 7.59 -19.02
C HIS A 517 -23.32 7.17 -18.83
N GLU A 518 -24.04 7.02 -19.93
CA GLU A 518 -25.44 6.60 -19.92
C GLU A 518 -25.51 5.11 -20.19
N GLY A 519 -26.35 4.41 -19.44
CA GLY A 519 -26.48 2.98 -19.54
C GLY A 519 -26.02 2.29 -18.28
N PRO A 520 -25.73 1.00 -18.38
CA PRO A 520 -25.25 0.26 -17.20
C PRO A 520 -23.85 0.71 -16.79
N LEU A 521 -23.50 0.36 -15.56
CA LEU A 521 -22.19 0.71 -15.02
C LEU A 521 -21.10 -0.28 -15.41
N HIS A 522 -21.46 -1.47 -15.92
CA HIS A 522 -20.46 -2.45 -16.29
C HIS A 522 -19.72 -2.10 -17.58
N LYS A 523 -20.30 -1.25 -18.43
CA LYS A 523 -19.63 -0.77 -19.63
C LYS A 523 -18.90 0.54 -19.40
N CYS A 524 -18.45 0.80 -18.18
CA CYS A 524 -17.81 2.06 -17.86
C CYS A 524 -16.33 2.03 -18.20
N ASP A 525 -15.89 3.04 -18.93
CA ASP A 525 -14.46 3.27 -19.16
C ASP A 525 -14.23 4.76 -19.10
N ILE A 526 -13.32 5.18 -18.22
CA ILE A 526 -13.14 6.61 -17.95
C ILE A 526 -12.20 7.22 -18.98
N SER A 527 -11.89 6.48 -20.02
CA SER A 527 -11.03 7.00 -21.08
C SER A 527 -11.72 8.15 -21.81
N ASN A 528 -10.90 9.07 -22.31
CA ASN A 528 -11.37 10.31 -22.94
C ASN A 528 -12.31 11.08 -22.00
N SER A 529 -11.97 11.11 -20.71
CA SER A 529 -12.79 11.78 -19.70
C SER A 529 -11.88 12.15 -18.54
N THR A 530 -11.62 13.45 -18.37
CA THR A 530 -10.68 13.92 -17.37
C THR A 530 -11.32 14.21 -16.02
N GLU A 531 -12.65 14.31 -15.97
CA GLU A 531 -13.31 14.68 -14.71
C GLU A 531 -13.11 13.61 -13.64
N ALA A 532 -13.21 12.33 -14.03
CA ALA A 532 -13.03 11.26 -13.06
C ALA A 532 -11.61 11.28 -12.48
N GLY A 533 -10.62 11.45 -13.36
CA GLY A 533 -9.24 11.52 -12.88
C GLY A 533 -9.01 12.71 -11.97
N GLN A 534 -9.59 13.87 -12.31
CA GLN A 534 -9.44 15.04 -11.47
C GLN A 534 -10.05 14.81 -10.09
N LYS A 535 -11.25 14.24 -10.05
CA LYS A 535 -11.89 14.00 -8.75
C LYS A 535 -11.12 12.98 -7.92
N LEU A 536 -10.62 11.92 -8.55
CA LEU A 536 -9.87 10.92 -7.80
C LEU A 536 -8.54 11.48 -7.28
N LEU A 537 -7.85 12.27 -8.11
CA LEU A 537 -6.60 12.88 -7.68
C LEU A 537 -6.83 13.90 -6.58
N ASN A 538 -8.02 14.52 -6.56
CA ASN A 538 -8.36 15.44 -5.47
C ASN A 538 -8.34 14.76 -4.12
N MET A 539 -8.51 13.44 -4.07
CA MET A 539 -8.46 12.68 -2.83
C MET A 539 -7.13 11.99 -2.61
N LEU A 540 -6.47 11.54 -3.69
CA LEU A 540 -5.25 10.76 -3.54
C LEU A 540 -4.16 11.51 -2.79
N ARG A 541 -4.14 12.84 -2.89
CA ARG A 541 -3.00 13.61 -2.39
C ARG A 541 -3.00 13.81 -0.88
N LEU A 542 -4.14 13.60 -0.21
CA LEU A 542 -4.22 13.93 1.21
C LEU A 542 -3.27 13.06 2.03
N GLY A 543 -3.19 11.77 1.73
CA GLY A 543 -2.40 10.88 2.56
C GLY A 543 -3.13 10.59 3.86
N ARG A 544 -2.38 10.64 4.96
CA ARG A 544 -2.95 10.44 6.30
C ARG A 544 -2.97 11.72 7.11
N SER A 545 -2.94 12.88 6.45
CA SER A 545 -2.92 14.16 7.13
C SER A 545 -4.28 14.61 7.61
N GLU A 546 -5.36 13.95 7.18
CA GLU A 546 -6.71 14.29 7.56
C GLU A 546 -7.46 13.03 7.97
N PRO A 547 -8.48 13.15 8.82
CA PRO A 547 -9.30 11.98 9.15
C PRO A 547 -9.93 11.38 7.91
N TRP A 548 -10.04 10.05 7.91
CA TRP A 548 -10.46 9.33 6.71
C TRP A 548 -11.88 9.69 6.27
N THR A 549 -12.72 10.19 7.17
CA THR A 549 -14.06 10.60 6.78
C THR A 549 -14.01 11.72 5.75
N LEU A 550 -13.17 12.74 5.99
CA LEU A 550 -13.02 13.81 5.03
C LEU A 550 -12.38 13.32 3.73
N ALA A 551 -11.45 12.36 3.82
CA ALA A 551 -10.85 11.81 2.62
C ALA A 551 -11.89 11.12 1.75
N LEU A 552 -12.82 10.38 2.38
CA LEU A 552 -13.88 9.73 1.62
C LEU A 552 -14.89 10.75 1.10
N GLU A 553 -15.14 11.82 1.85
CA GLU A 553 -16.17 12.78 1.46
C GLU A 553 -15.78 13.55 0.19
N ASN A 554 -14.48 13.65 -0.10
CA ASN A 554 -14.01 14.49 -1.19
C ASN A 554 -14.45 14.00 -2.57
N VAL A 555 -14.81 12.73 -2.72
CA VAL A 555 -15.18 12.21 -4.02
C VAL A 555 -16.60 11.64 -4.02
N VAL A 556 -16.94 10.84 -2.99
CA VAL A 556 -18.25 10.20 -2.98
C VAL A 556 -19.32 11.15 -2.46
N GLY A 557 -18.96 12.11 -1.60
CA GLY A 557 -19.91 13.05 -1.06
C GLY A 557 -20.45 12.71 0.32
N ALA A 558 -20.33 11.45 0.75
CA ALA A 558 -20.78 11.02 2.06
C ALA A 558 -19.58 10.85 2.99
N LYS A 559 -19.88 10.73 4.29
CA LYS A 559 -18.85 10.67 5.31
C LYS A 559 -18.66 9.28 5.92
N ASN A 560 -19.54 8.34 5.61
CA ASN A 560 -19.40 6.96 6.06
C ASN A 560 -19.43 6.02 4.85
N MET A 561 -19.43 4.73 5.12
CA MET A 561 -19.48 3.73 4.05
C MET A 561 -20.91 3.54 3.59
N ASP A 562 -21.11 3.56 2.27
CA ASP A 562 -22.41 3.32 1.67
C ASP A 562 -22.29 2.18 0.67
N VAL A 563 -23.31 1.33 0.62
CA VAL A 563 -23.26 0.10 -0.16
C VAL A 563 -24.15 0.17 -1.39
N ARG A 564 -24.86 1.28 -1.60
CA ARG A 564 -25.73 1.41 -2.76
C ARG A 564 -25.01 1.21 -4.09
N PRO A 565 -23.82 1.79 -4.33
CA PRO A 565 -23.15 1.54 -5.61
C PRO A 565 -22.86 0.07 -5.90
N LEU A 566 -22.52 -0.71 -4.88
CA LEU A 566 -22.22 -2.12 -5.09
C LEU A 566 -23.45 -2.86 -5.60
N LEU A 567 -24.62 -2.60 -5.01
CA LEU A 567 -25.84 -3.23 -5.49
C LEU A 567 -26.24 -2.70 -6.86
N ASN A 568 -25.98 -1.42 -7.11
CA ASN A 568 -26.31 -0.86 -8.42
C ASN A 568 -25.45 -1.45 -9.53
N TYR A 569 -24.20 -1.84 -9.20
CA TYR A 569 -23.32 -2.40 -10.20
C TYR A 569 -23.86 -3.73 -10.74
N PHE A 570 -24.37 -4.57 -9.86
CA PHE A 570 -24.85 -5.90 -10.24
C PHE A 570 -26.36 -5.93 -10.50
N GLU A 571 -26.95 -4.80 -10.91
CA GLU A 571 -28.40 -4.75 -11.11
C GLU A 571 -28.87 -5.68 -12.23
N PRO A 572 -28.28 -5.69 -13.43
CA PRO A 572 -28.72 -6.67 -14.43
C PRO A 572 -28.51 -8.10 -13.96
N LEU A 573 -27.40 -8.36 -13.28
CA LEU A 573 -27.17 -9.68 -12.70
C LEU A 573 -28.24 -10.00 -11.67
N PHE A 574 -28.62 -9.01 -10.87
CA PHE A 574 -29.67 -9.21 -9.87
C PHE A 574 -30.98 -9.61 -10.53
N THR A 575 -31.40 -8.86 -11.56
CA THR A 575 -32.67 -9.18 -12.23
C THR A 575 -32.61 -10.55 -12.89
N TRP A 576 -31.49 -10.88 -13.52
CA TRP A 576 -31.35 -12.19 -14.15
C TRP A 576 -31.45 -13.30 -13.12
N LEU A 577 -30.84 -13.10 -11.95
CA LEU A 577 -30.91 -14.11 -10.90
C LEU A 577 -32.33 -14.28 -10.38
N LYS A 578 -33.04 -13.18 -10.15
CA LYS A 578 -34.42 -13.31 -9.66
C LYS A 578 -35.31 -13.97 -10.72
N GLU A 579 -35.00 -13.76 -12.00
CA GLU A 579 -35.80 -14.42 -13.02
C GLU A 579 -35.50 -15.92 -13.05
N GLN A 580 -34.23 -16.29 -13.02
CA GLN A 580 -33.86 -17.70 -13.09
C GLN A 580 -34.23 -18.49 -11.86
N ASN A 581 -34.17 -17.89 -10.67
CA ASN A 581 -34.50 -18.62 -9.46
C ASN A 581 -36.01 -18.59 -9.22
N ARG A 582 -36.69 -19.64 -9.68
CA ARG A 582 -38.07 -19.89 -9.27
C ARG A 582 -38.11 -20.75 -8.02
N ASN A 583 -36.95 -21.11 -7.48
CA ASN A 583 -36.85 -21.89 -6.26
C ASN A 583 -35.59 -21.43 -5.53
N SER A 584 -35.38 -21.98 -4.35
CA SER A 584 -34.25 -21.63 -3.47
C SER A 584 -34.39 -20.16 -3.08
N PHE A 585 -33.27 -19.47 -2.89
CA PHE A 585 -33.19 -18.08 -2.40
C PHE A 585 -34.09 -17.85 -1.18
N VAL A 586 -34.37 -18.91 -0.42
CA VAL A 586 -35.24 -18.79 0.75
C VAL A 586 -34.40 -18.91 2.01
N GLY A 587 -33.12 -18.54 1.90
CA GLY A 587 -32.23 -18.55 3.05
C GLY A 587 -31.71 -19.93 3.39
N TRP A 588 -31.02 -20.04 4.52
CA TRP A 588 -30.48 -21.32 4.96
C TRP A 588 -30.77 -21.50 6.45
N SER A 589 -31.06 -22.73 6.82
CA SER A 589 -31.35 -23.10 8.20
C SER A 589 -30.22 -23.96 8.74
N THR A 590 -29.75 -23.62 9.94
CA THR A 590 -28.49 -24.17 10.45
C THR A 590 -28.76 -25.39 11.33
N GLU A 591 -29.20 -26.46 10.67
CA GLU A 591 -29.31 -27.76 11.33
C GLU A 591 -28.79 -28.90 10.48
N TRP A 592 -28.46 -28.69 9.21
CA TRP A 592 -27.99 -29.75 8.33
C TRP A 592 -26.46 -29.77 8.33
N THR A 593 -25.89 -30.92 8.65
CA THR A 593 -24.45 -31.10 8.70
C THR A 593 -24.10 -32.42 7.99
N PRO A 594 -22.92 -32.49 7.37
CA PRO A 594 -22.58 -33.72 6.63
C PRO A 594 -22.53 -34.98 7.50
N TYR A 595 -22.10 -34.87 8.75
CA TYR A 595 -21.88 -36.06 9.57
C TYR A 595 -23.11 -36.52 10.33
N ALA A 596 -24.07 -35.63 10.59
CA ALA A 596 -25.26 -36.01 11.34
C ALA A 596 -26.53 -35.63 10.60
N PHE B 24 37.85 27.14 -14.20
CA PHE B 24 36.54 27.05 -14.82
C PHE B 24 35.61 26.15 -14.00
N ASN B 25 35.89 24.85 -14.03
CA ASN B 25 35.12 23.87 -13.28
C ASN B 25 36.06 22.98 -12.48
N ALA B 26 35.56 22.49 -11.35
CA ALA B 26 36.34 21.64 -10.46
C ALA B 26 35.57 20.36 -10.17
N THR B 27 36.32 19.29 -9.91
CA THR B 27 35.70 17.99 -9.63
C THR B 27 35.15 17.92 -8.22
N LYS B 28 35.54 18.81 -7.33
CA LYS B 28 35.09 18.83 -5.95
C LYS B 28 34.16 20.01 -5.71
N PHE B 29 33.04 19.76 -5.05
CA PHE B 29 32.05 20.78 -4.78
C PHE B 29 31.73 20.82 -3.29
N PRO B 30 31.58 22.00 -2.71
CA PRO B 30 31.28 22.10 -1.27
C PRO B 30 29.79 21.91 -0.99
N SER B 31 29.47 21.85 0.30
CA SER B 31 28.11 21.64 0.75
C SER B 31 27.36 22.97 0.81
N VAL B 32 26.19 22.98 1.44
CA VAL B 32 25.35 24.18 1.44
C VAL B 32 25.81 25.17 2.50
N TYR B 33 25.89 24.76 3.76
CA TYR B 33 26.32 25.68 4.80
C TYR B 33 27.81 25.97 4.75
N ALA B 34 28.52 25.44 3.75
CA ALA B 34 29.86 25.85 3.38
C ALA B 34 29.91 26.20 1.91
N TRP B 35 28.94 26.97 1.44
CA TRP B 35 28.81 27.28 0.02
C TRP B 35 30.02 28.05 -0.48
N GLU B 36 30.40 27.79 -1.73
CA GLU B 36 31.57 28.41 -2.32
C GLU B 36 31.21 29.76 -2.91
N ARG B 37 32.00 30.78 -2.60
CA ARG B 37 31.80 32.13 -3.09
C ARG B 37 33.00 32.53 -3.93
N LYS B 38 32.74 33.02 -5.15
CA LYS B 38 33.80 33.45 -6.05
C LYS B 38 33.48 34.85 -6.57
N LYS B 39 34.50 35.70 -6.62
CA LYS B 39 34.36 37.06 -7.12
C LYS B 39 35.02 37.14 -8.49
N ILE B 40 34.27 37.57 -9.50
CA ILE B 40 34.76 37.66 -10.87
C ILE B 40 34.67 39.11 -11.31
N SER B 41 35.80 39.64 -11.81
CA SER B 41 35.86 41.02 -12.26
C SER B 41 36.76 41.10 -13.48
N ASN B 42 36.56 42.17 -14.26
CA ASN B 42 37.35 42.42 -15.47
C ASN B 42 37.29 41.25 -16.44
N CYS B 43 36.11 40.64 -16.56
CA CYS B 43 35.89 39.51 -17.46
C CYS B 43 34.53 39.64 -18.11
N VAL B 44 34.44 39.19 -19.36
CA VAL B 44 33.21 39.21 -20.13
C VAL B 44 32.91 37.79 -20.58
N ALA B 45 31.70 37.31 -20.29
CA ALA B 45 31.28 35.97 -20.65
C ALA B 45 29.95 36.03 -21.39
N ASP B 46 29.72 35.02 -22.23
CA ASP B 46 28.49 34.94 -23.02
C ASP B 46 27.63 33.75 -22.63
N TYR B 47 28.20 32.55 -22.59
CA TYR B 47 27.46 31.32 -22.29
C TYR B 47 26.27 31.16 -23.24
N SER B 48 26.47 31.54 -24.50
CA SER B 48 25.41 31.51 -25.48
C SER B 48 25.05 30.09 -25.93
N VAL B 49 25.83 29.08 -25.52
CA VAL B 49 25.59 27.71 -25.91
C VAL B 49 24.27 27.17 -25.36
N LEU B 50 23.58 27.93 -24.51
CA LEU B 50 22.37 27.45 -23.86
C LEU B 50 21.19 27.27 -24.82
N TYR B 51 21.32 27.63 -26.09
CA TYR B 51 20.22 27.44 -27.02
C TYR B 51 19.98 25.95 -27.29
N ASN B 52 20.96 25.29 -27.89
CA ASN B 52 20.89 23.85 -28.11
C ASN B 52 21.70 23.13 -27.04
N SER B 53 21.25 23.28 -25.79
CA SER B 53 21.93 22.70 -24.62
C SER B 53 20.89 21.96 -23.78
N THR B 54 20.67 20.69 -24.11
CA THR B 54 19.81 19.84 -23.30
C THR B 54 20.49 19.37 -22.03
N PHE B 55 21.79 19.64 -21.87
CA PHE B 55 22.52 19.22 -20.68
C PHE B 55 22.08 19.98 -19.45
N PHE B 56 21.52 21.18 -19.64
CA PHE B 56 21.15 22.02 -18.50
C PHE B 56 19.76 21.63 -18.00
N SER B 57 19.67 21.30 -16.71
CA SER B 57 18.41 20.86 -16.14
C SER B 57 17.43 22.02 -15.98
N THR B 58 17.87 23.11 -15.35
CA THR B 58 17.02 24.27 -15.21
C THR B 58 17.86 25.54 -15.20
N PHE B 59 17.33 26.59 -15.85
CA PHE B 59 18.01 27.87 -16.00
C PHE B 59 16.97 28.96 -15.91
N LYS B 60 17.13 29.87 -14.95
CA LYS B 60 16.20 30.96 -14.75
C LYS B 60 16.95 32.26 -14.55
N CYS B 61 16.30 33.37 -14.88
CA CYS B 61 16.83 34.69 -14.64
C CYS B 61 15.72 35.57 -14.10
N TYR B 62 15.99 36.27 -13.00
CA TYR B 62 14.98 37.06 -12.31
C TYR B 62 15.11 38.55 -12.57
N GLY B 63 16.33 39.10 -12.47
CA GLY B 63 16.51 40.52 -12.64
C GLY B 63 16.23 40.99 -14.07
N VAL B 64 16.71 40.25 -15.05
CA VAL B 64 16.57 40.62 -16.45
C VAL B 64 16.05 39.43 -17.24
N SER B 65 15.45 39.73 -18.39
CA SER B 65 14.96 38.71 -19.31
C SER B 65 15.76 38.67 -20.61
N ALA B 66 17.05 38.98 -20.55
CA ALA B 66 17.98 39.04 -21.68
C ALA B 66 17.62 40.12 -22.69
N THR B 67 16.59 40.92 -22.42
CA THR B 67 16.24 42.02 -23.32
C THR B 67 17.22 43.18 -23.18
N LYS B 68 17.64 43.47 -21.95
CA LYS B 68 18.58 44.55 -21.67
C LYS B 68 20.03 44.10 -21.70
N LEU B 69 20.30 42.88 -22.17
CA LEU B 69 21.67 42.38 -22.23
C LEU B 69 22.53 43.19 -23.19
N ASN B 70 21.93 43.81 -24.21
CA ASN B 70 22.71 44.56 -25.20
C ASN B 70 23.40 45.76 -24.56
N ASP B 71 22.73 46.44 -23.63
CA ASP B 71 23.26 47.63 -22.98
C ASP B 71 23.51 47.40 -21.49
N LEU B 72 24.08 46.25 -21.15
CA LEU B 72 24.41 45.94 -19.76
C LEU B 72 25.64 45.04 -19.77
N CYS B 73 26.79 45.61 -19.44
CA CYS B 73 28.04 44.87 -19.37
C CYS B 73 28.25 44.31 -17.97
N PHE B 74 28.82 43.11 -17.90
CA PHE B 74 29.00 42.40 -16.65
C PHE B 74 30.36 42.76 -16.04
N SER B 75 30.35 43.17 -14.77
CA SER B 75 31.57 43.49 -14.05
C SER B 75 31.28 43.40 -12.56
N ASN B 76 32.25 42.88 -11.80
CA ASN B 76 32.12 42.72 -10.35
C ASN B 76 30.92 41.86 -10.00
N VAL B 77 30.96 40.60 -10.44
CA VAL B 77 29.88 39.67 -10.22
C VAL B 77 30.30 38.64 -9.18
N TYR B 78 29.31 38.02 -8.55
CA TYR B 78 29.54 36.97 -7.56
C TYR B 78 28.94 35.66 -8.06
N ALA B 79 29.66 34.57 -7.80
CA ALA B 79 29.19 33.22 -8.13
C ALA B 79 29.11 32.42 -6.85
N ASP B 80 27.92 31.89 -6.54
CA ASP B 80 27.70 31.08 -5.35
C ASP B 80 27.39 29.66 -5.81
N SER B 81 28.16 28.70 -5.33
CA SER B 81 28.06 27.32 -5.79
C SER B 81 27.82 26.39 -4.61
N PHE B 82 26.90 25.44 -4.80
CA PHE B 82 26.71 24.37 -3.82
C PHE B 82 25.98 23.21 -4.50
N VAL B 83 25.69 22.18 -3.69
CA VAL B 83 24.98 20.98 -4.15
C VAL B 83 23.76 20.79 -3.27
N VAL B 84 22.60 20.61 -3.91
CA VAL B 84 21.34 20.47 -3.18
C VAL B 84 20.52 19.32 -3.74
N LYS B 85 19.31 19.17 -3.24
CA LYS B 85 18.33 18.20 -3.70
C LYS B 85 17.41 18.85 -4.72
N GLY B 86 16.75 18.01 -5.51
CA GLY B 86 15.87 18.54 -6.55
C GLY B 86 14.70 19.33 -5.98
N ASP B 87 14.04 18.76 -4.97
CA ASP B 87 12.89 19.44 -4.37
C ASP B 87 13.28 20.78 -3.76
N ASP B 88 14.57 21.00 -3.52
CA ASP B 88 15.04 22.25 -2.94
C ASP B 88 15.47 23.28 -3.97
N VAL B 89 15.54 22.92 -5.25
CA VAL B 89 15.96 23.91 -6.25
C VAL B 89 14.96 25.04 -6.35
N ARG B 90 13.67 24.75 -6.19
CA ARG B 90 12.68 25.81 -6.17
C ARG B 90 12.83 26.74 -4.98
N GLN B 91 13.53 26.31 -3.93
CA GLN B 91 13.70 27.14 -2.75
C GLN B 91 14.72 28.25 -2.95
N ILE B 92 15.56 28.16 -3.98
CA ILE B 92 16.56 29.20 -4.25
C ILE B 92 15.87 30.23 -5.13
N ALA B 93 15.15 31.15 -4.48
CA ALA B 93 14.40 32.19 -5.15
C ALA B 93 13.85 33.14 -4.07
N PRO B 94 13.54 34.40 -4.45
CA PRO B 94 12.87 35.30 -3.51
C PRO B 94 11.63 34.67 -2.89
N GLY B 95 11.37 34.99 -1.62
CA GLY B 95 10.30 34.30 -0.92
C GLY B 95 10.65 32.84 -0.76
N GLN B 96 9.64 31.98 -0.94
CA GLN B 96 9.82 30.53 -0.92
C GLN B 96 10.45 30.07 0.40
N THR B 97 9.66 30.24 1.47
CA THR B 97 10.12 29.99 2.84
C THR B 97 10.86 28.66 2.95
N GLY B 98 10.16 27.56 2.70
CA GLY B 98 10.81 26.26 2.73
C GLY B 98 11.40 25.93 4.09
N VAL B 99 12.54 25.24 4.07
CA VAL B 99 13.24 24.87 5.29
C VAL B 99 14.69 25.36 5.23
N ILE B 100 15.39 25.05 4.14
CA ILE B 100 16.79 25.46 4.01
C ILE B 100 16.95 26.86 3.46
N ALA B 101 15.88 27.50 2.99
CA ALA B 101 15.98 28.86 2.49
C ALA B 101 16.08 29.88 3.62
N ASP B 102 15.77 29.46 4.85
CA ASP B 102 15.84 30.34 6.01
C ASP B 102 16.93 29.95 7.00
N TYR B 103 17.54 28.78 6.84
CA TYR B 103 18.54 28.29 7.77
C TYR B 103 19.91 28.05 7.14
N ASN B 104 19.99 27.90 5.82
CA ASN B 104 21.26 27.66 5.14
C ASN B 104 21.62 28.73 4.14
N TYR B 105 20.65 29.21 3.35
CA TYR B 105 20.94 30.15 2.28
C TYR B 105 19.67 30.97 2.01
N LYS B 106 19.74 32.27 2.27
CA LYS B 106 18.59 33.16 2.09
C LYS B 106 18.82 34.08 0.90
N LEU B 107 17.84 34.14 0.01
CA LEU B 107 17.87 34.96 -1.20
C LEU B 107 17.36 36.36 -0.90
N PRO B 108 18.03 37.39 -1.41
CA PRO B 108 17.53 38.75 -1.22
C PRO B 108 16.31 39.01 -2.10
N ASP B 109 15.68 40.17 -1.87
CA ASP B 109 14.47 40.53 -2.59
C ASP B 109 14.74 41.45 -3.78
N ASP B 110 15.84 42.19 -3.76
CA ASP B 110 16.15 43.16 -4.80
C ASP B 110 17.27 42.70 -5.75
N PHE B 111 18.41 42.30 -5.19
CA PHE B 111 19.55 41.92 -6.02
C PHE B 111 19.27 40.56 -6.66
N MET B 112 18.82 40.59 -7.92
CA MET B 112 18.52 39.39 -8.68
C MET B 112 19.50 39.22 -9.83
N GLY B 113 20.05 38.02 -9.96
CA GLY B 113 20.87 37.67 -11.10
C GLY B 113 20.26 36.54 -11.90
N CYS B 114 20.91 35.38 -11.90
CA CYS B 114 20.35 34.20 -12.57
C CYS B 114 20.73 32.97 -11.75
N VAL B 115 19.95 31.91 -11.93
CA VAL B 115 20.19 30.63 -11.26
C VAL B 115 20.32 29.55 -12.33
N LEU B 116 21.27 28.65 -12.13
CA LEU B 116 21.54 27.57 -13.08
C LEU B 116 21.79 26.29 -12.29
N ALA B 117 20.94 25.28 -12.49
CA ALA B 117 21.09 24.02 -11.78
C ALA B 117 21.12 22.87 -12.77
N TRP B 118 22.07 21.95 -12.57
CA TRP B 118 22.22 20.82 -13.48
C TRP B 118 22.40 19.53 -12.69
N ASN B 119 21.99 18.43 -13.33
CA ASN B 119 22.00 17.11 -12.71
C ASN B 119 23.41 16.51 -12.74
N THR B 120 23.77 15.85 -11.65
CA THR B 120 25.04 15.13 -11.52
C THR B 120 24.81 13.74 -10.93
N ARG B 121 23.82 13.02 -11.46
CA ARG B 121 23.54 11.68 -10.97
C ARG B 121 24.65 10.69 -11.31
N ASN B 122 25.34 10.90 -12.42
CA ASN B 122 26.29 9.92 -12.92
C ASN B 122 27.68 10.03 -12.31
N ILE B 123 27.97 11.11 -11.58
CA ILE B 123 29.31 11.37 -11.04
C ILE B 123 29.30 11.53 -9.53
N ASP B 124 28.31 12.23 -8.99
CA ASP B 124 28.21 12.46 -7.54
C ASP B 124 27.37 11.43 -6.81
N ALA B 125 26.95 10.35 -7.47
CA ALA B 125 26.12 9.34 -6.83
C ALA B 125 26.73 7.97 -7.03
N THR B 126 26.87 7.22 -5.94
CA THR B 126 27.40 5.87 -5.96
C THR B 126 26.35 4.90 -5.46
N SER B 127 26.38 3.68 -5.99
CA SER B 127 25.38 2.68 -5.64
C SER B 127 25.49 2.23 -4.19
N THR B 128 26.63 2.48 -3.54
CA THR B 128 26.82 2.11 -2.14
C THR B 128 26.60 3.26 -1.17
N GLY B 129 26.51 4.49 -1.65
CA GLY B 129 26.26 5.63 -0.79
C GLY B 129 27.29 6.73 -0.93
N ASN B 130 26.86 7.96 -0.66
CA ASN B 130 27.75 9.13 -0.69
C ASN B 130 27.26 10.09 0.38
N TYR B 131 28.02 10.18 1.47
CA TYR B 131 27.63 10.97 2.64
C TYR B 131 28.60 12.11 2.91
N ASN B 132 29.05 12.79 1.85
CA ASN B 132 30.03 13.85 1.99
C ASN B 132 29.39 15.24 1.92
N TYR B 133 28.07 15.33 2.02
CA TYR B 133 27.38 16.62 1.93
C TYR B 133 26.43 16.75 3.11
N LYS B 134 26.51 17.90 3.80
CA LYS B 134 25.78 18.12 5.04
C LYS B 134 24.93 19.38 4.93
N TYR B 135 23.97 19.50 5.84
CA TYR B 135 23.08 20.65 5.87
C TYR B 135 22.55 20.86 7.28
N ARG B 136 22.02 22.06 7.50
CA ARG B 136 21.63 22.54 8.83
C ARG B 136 20.12 22.77 8.88
N TYR B 137 19.50 22.36 9.98
CA TYR B 137 18.05 22.50 10.12
C TYR B 137 17.60 22.95 11.50
N LEU B 138 18.49 23.54 12.30
CA LEU B 138 18.13 24.06 13.61
C LEU B 138 18.94 25.33 13.89
N ARG B 139 18.25 26.39 14.28
CA ARG B 139 18.91 27.66 14.55
C ARG B 139 17.99 28.55 15.38
N HIS B 140 18.59 29.41 16.20
CA HIS B 140 17.85 30.39 16.98
C HIS B 140 17.86 31.70 16.21
N GLY B 141 16.69 32.10 15.71
CA GLY B 141 16.55 33.31 14.95
C GLY B 141 16.63 33.07 13.45
N LYS B 142 16.07 34.00 12.69
CA LYS B 142 16.06 33.90 11.24
C LYS B 142 17.44 34.21 10.68
N LEU B 143 17.55 34.13 9.35
CA LEU B 143 18.78 34.44 8.65
C LEU B 143 18.59 35.67 7.77
N ARG B 144 19.46 36.66 7.94
CA ARG B 144 19.53 37.77 7.02
C ARG B 144 20.26 37.36 5.75
N PRO B 145 20.05 38.09 4.65
CA PRO B 145 20.81 37.80 3.43
C PRO B 145 22.31 37.92 3.66
N PHE B 146 23.07 37.06 2.97
CA PHE B 146 24.52 37.01 3.05
C PHE B 146 25.04 36.66 4.44
N GLU B 147 24.30 35.84 5.18
CA GLU B 147 24.73 35.41 6.51
C GLU B 147 25.19 33.96 6.46
N ARG B 148 26.36 33.70 7.03
CA ARG B 148 27.00 32.38 6.98
C ARG B 148 27.20 31.87 8.39
N ASP B 149 26.73 30.65 8.65
CA ASP B 149 26.83 30.02 9.96
C ASP B 149 27.68 28.76 9.85
N ILE B 150 28.73 28.67 10.68
CA ILE B 150 29.68 27.57 10.64
C ILE B 150 29.73 26.83 11.98
N SER B 151 29.69 27.55 13.09
CA SER B 151 29.94 26.96 14.40
C SER B 151 28.95 25.84 14.71
N ASN B 152 29.47 24.74 15.25
CA ASN B 152 28.68 23.57 15.62
C ASN B 152 28.52 23.58 17.14
N VAL B 153 27.50 24.28 17.61
CA VAL B 153 27.18 24.35 19.03
C VAL B 153 25.89 23.56 19.25
N PRO B 154 25.80 22.75 20.31
CA PRO B 154 24.57 21.98 20.55
C PRO B 154 23.36 22.88 20.69
N PHE B 155 22.23 22.42 20.14
CA PHE B 155 21.01 23.19 20.10
C PHE B 155 20.11 22.80 21.26
N SER B 156 19.65 23.80 22.01
CA SER B 156 18.79 23.58 23.16
C SER B 156 17.55 24.45 23.04
N PRO B 157 16.35 23.88 23.15
CA PRO B 157 15.13 24.67 22.91
C PRO B 157 14.74 25.58 24.07
N ASP B 158 15.33 25.42 25.25
CA ASP B 158 14.96 26.22 26.42
C ASP B 158 16.20 26.70 27.16
N GLY B 159 17.17 27.23 26.42
CA GLY B 159 18.41 27.67 27.05
C GLY B 159 19.12 26.51 27.70
N LYS B 160 19.67 26.76 28.89
CA LYS B 160 20.35 25.75 29.69
C LYS B 160 21.44 25.07 28.86
N PRO B 161 22.59 25.74 28.65
CA PRO B 161 23.66 25.16 27.82
C PRO B 161 23.95 23.71 28.15
N CYS B 162 23.71 22.83 27.18
CA CYS B 162 23.69 21.40 27.42
C CYS B 162 25.09 20.80 27.35
N THR B 163 25.21 19.59 27.88
CA THR B 163 26.38 18.73 27.69
C THR B 163 25.91 17.49 26.95
N PRO B 164 26.11 17.42 25.64
CA PRO B 164 25.58 16.29 24.88
C PRO B 164 26.23 14.99 25.33
N PRO B 165 25.53 13.86 25.17
CA PRO B 165 24.22 13.68 24.54
C PRO B 165 23.07 13.68 25.53
N ALA B 166 22.99 14.67 26.42
CA ALA B 166 21.92 14.71 27.42
C ALA B 166 20.56 14.88 26.76
N LEU B 167 19.53 14.51 27.50
CA LEU B 167 18.16 14.57 26.98
C LEU B 167 17.75 16.01 26.69
N ASN B 168 16.92 16.16 25.66
CA ASN B 168 16.41 17.46 25.21
C ASN B 168 17.55 18.38 24.76
N CYS B 169 18.61 17.79 24.20
CA CYS B 169 19.77 18.55 23.71
C CYS B 169 20.19 17.91 22.39
N TYR B 170 19.72 18.49 21.28
CA TYR B 170 19.92 17.93 19.96
C TYR B 170 21.11 18.58 19.26
N TRP B 171 21.54 17.93 18.18
CA TRP B 171 22.56 18.24 17.18
C TRP B 171 21.93 18.99 16.02
N PRO B 172 22.62 19.99 15.45
CA PRO B 172 22.02 20.82 14.39
C PRO B 172 22.32 20.40 12.97
N LEU B 173 23.03 19.29 12.74
CA LEU B 173 23.52 18.95 11.41
C LEU B 173 22.97 17.61 10.93
N ASN B 174 22.96 17.44 9.61
CA ASN B 174 22.51 16.20 9.01
C ASN B 174 23.24 16.00 7.69
N ASP B 175 23.24 14.76 7.20
CA ASP B 175 23.84 14.39 5.93
C ASP B 175 22.76 14.03 4.92
N TYR B 176 22.95 14.43 3.67
CA TYR B 176 21.92 14.22 2.66
C TYR B 176 21.81 12.76 2.25
N GLY B 177 22.88 12.20 1.67
CA GLY B 177 22.87 10.82 1.24
C GLY B 177 22.34 10.58 -0.15
N PHE B 178 22.94 11.23 -1.16
CA PHE B 178 22.55 10.98 -2.54
C PHE B 178 23.06 9.62 -3.01
N TYR B 179 22.17 8.80 -3.58
CA TYR B 179 22.56 7.55 -4.21
C TYR B 179 22.25 7.62 -5.70
N THR B 180 22.68 6.58 -6.43
CA THR B 180 22.47 6.56 -7.87
C THR B 180 21.02 6.24 -8.24
N THR B 181 20.41 5.28 -7.56
CA THR B 181 19.10 4.78 -7.92
C THR B 181 17.95 5.52 -7.24
N THR B 182 18.14 6.79 -6.91
CA THR B 182 17.06 7.58 -6.31
C THR B 182 16.06 8.01 -7.39
N GLY B 183 15.14 8.87 -7.00
CA GLY B 183 14.11 9.33 -7.91
C GLY B 183 14.59 10.39 -8.87
N ILE B 184 13.76 11.40 -9.11
CA ILE B 184 14.13 12.52 -9.97
C ILE B 184 14.41 13.78 -9.16
N GLY B 185 13.72 13.96 -8.03
CA GLY B 185 13.93 15.10 -7.17
C GLY B 185 14.81 14.85 -5.96
N TYR B 186 15.25 13.60 -5.78
CA TYR B 186 16.11 13.22 -4.66
C TYR B 186 17.51 12.88 -5.16
N GLN B 187 17.99 13.65 -6.15
CA GLN B 187 19.27 13.48 -6.79
C GLN B 187 20.16 14.68 -6.51
N PRO B 188 21.48 14.52 -6.58
CA PRO B 188 22.38 15.65 -6.32
C PRO B 188 22.42 16.63 -7.48
N TYR B 189 21.81 17.81 -7.30
CA TYR B 189 21.82 18.85 -8.31
C TYR B 189 22.86 19.90 -7.92
N ARG B 190 23.77 20.20 -8.85
CA ARG B 190 24.74 21.26 -8.64
C ARG B 190 24.12 22.58 -9.05
N VAL B 191 24.15 23.55 -8.13
CA VAL B 191 23.46 24.82 -8.28
C VAL B 191 24.48 25.94 -8.22
N VAL B 192 24.43 26.83 -9.22
CA VAL B 192 25.27 28.02 -9.28
C VAL B 192 24.35 29.23 -9.44
N VAL B 193 24.53 30.21 -8.56
CA VAL B 193 23.77 31.46 -8.59
C VAL B 193 24.74 32.56 -8.97
N LEU B 194 24.41 33.28 -10.05
CA LEU B 194 25.21 34.41 -10.52
C LEU B 194 24.52 35.70 -10.11
N SER B 195 25.16 36.46 -9.23
CA SER B 195 24.60 37.69 -8.70
C SER B 195 25.36 38.89 -9.27
#